data_9F41
#
_entry.id   9F41
#
_cell.length_a   92.030
_cell.length_b   109.780
_cell.length_c   151.360
_cell.angle_alpha   90.000
_cell.angle_beta   90.000
_cell.angle_gamma   90.000
#
_symmetry.space_group_name_H-M   'P 21 2 21'
#
loop_
_entity.id
_entity.type
_entity.pdbx_description
1 polymer 'NPC intracellular sterol transporter 1-related protein 1'
2 branched alpha-D-mannopyranose-(1-2)-alpha-D-mannopyranose-(1-3)-[alpha-D-mannopyranose-(1-6)]alpha-D-mannopyranose-(1-6)-beta-D-mannopyranose-(1-4)-2-acetamido-2-deoxy-beta-D-glucopyranose-(1-4)-2-acetamido-2-deoxy-beta-D-glucopyranose
3 branched alpha-D-mannopyranose-(1-6)-beta-D-mannopyranose-(1-4)-2-acetamido-2-deoxy-beta-D-glucopyranose-(1-4)-2-acetamido-2-deoxy-beta-D-glucopyranose
4 branched alpha-D-mannopyranose-(1-2)-alpha-D-mannopyranose-(1-2)-alpha-D-mannopyranose-(1-3)-[alpha-D-mannopyranose-(1-3)-[alpha-D-mannopyranose-(1-6)]alpha-D-mannopyranose-(1-6)]beta-D-mannopyranose-(1-4)-2-acetamido-2-deoxy-beta-D-glucopyranose-(1-4)-2-acetamido-2-deoxy-beta-D-glucopyranose
5 branched alpha-D-mannopyranose-(1-2)-alpha-D-mannopyranose-(1-3)-alpha-D-mannopyranose-(1-6)-beta-D-mannopyranose-(1-4)-2-acetamido-2-deoxy-beta-D-glucopyranose-(1-4)-2-acetamido-2-deoxy-beta-D-glucopyranose
6 branched alpha-D-mannopyranose-(1-3)-[alpha-D-mannopyranose-(1-6)]beta-D-mannopyranose-(1-4)-2-acetamido-2-deoxy-beta-D-glucopyranose-(1-4)-2-acetamido-2-deoxy-beta-D-glucopyranose
7 branched alpha-D-mannopyranose-(1-3)-beta-D-mannopyranose-(1-4)-2-acetamido-2-deoxy-beta-D-glucopyranose-(1-4)-2-acetamido-2-deoxy-beta-D-glucopyranose
8 branched alpha-D-mannopyranose-(1-3)-[alpha-D-mannopyranose-(1-6)]alpha-D-mannopyranose-(1-6)-beta-D-mannopyranose-(1-4)-2-acetamido-2-deoxy-beta-D-glucopyranose-(1-4)-2-acetamido-2-deoxy-beta-D-glucopyranose
9 non-polymer CHOLESTEROL
10 non-polymer 'ZINC ION'
11 non-polymer 'SULFATE ION'
12 non-polymer (4S)-2-METHYL-2,4-PENTANEDIOL
13 non-polymer DI(HYDROXYETHYL)ETHER
14 water water
#
_entity_poly.entity_id   1
_entity_poly.type   'polypeptide(L)'
_entity_poly.pdbx_seq_one_letter_code
;MNVLWIIALVGQLMRLVQGTATCAMYGNCGKKSVFGNELPCPVPRSFEPPVLSDETSKLLVEVCGEEWKEVRYACCTKDQ
VVALRDNLQKAQPLISSCPACLKNFNNLFCHFTCAADQGRFVNITKVEKSKEDKDIVAELDVFMNSSWASEFYDSCKNIK
FSATNGYAMDLIGGGAKNYSQFLKFLGDAKPMLGGSPFQINYKYDLANEEKEWQEFNDEVYACDDAQYKCACSDCQESCP
HLKPLVPR
;
_entity_poly.pdbx_strand_id   A,B,C,D
#
loop_
_chem_comp.id
_chem_comp.type
_chem_comp.name
_chem_comp.formula
BMA D-saccharide, beta linking beta-D-mannopyranose 'C6 H12 O6'
CLR non-polymer CHOLESTEROL 'C27 H46 O'
MAN D-saccharide, alpha linking alpha-D-mannopyranose 'C6 H12 O6'
MPD non-polymer (4S)-2-METHYL-2,4-PENTANEDIOL 'C6 H14 O2'
NAG D-saccharide, beta linking 2-acetamido-2-deoxy-beta-D-glucopyranose 'C8 H15 N O6'
PEG non-polymer DI(HYDROXYETHYL)ETHER 'C4 H10 O3'
SO4 non-polymer 'SULFATE ION' 'O4 S -2'
ZN non-polymer 'ZINC ION' 'Zn 2'
#
# COMPACT_ATOMS: atom_id res chain seq x y z
N THR A 20 24.32 23.35 -17.88
CA THR A 20 23.94 24.66 -18.36
C THR A 20 22.52 25.03 -17.94
N ALA A 21 21.56 24.58 -18.72
CA ALA A 21 20.16 24.93 -18.51
C ALA A 21 19.42 23.77 -17.85
N THR A 22 18.43 24.12 -17.04
CA THR A 22 17.61 23.15 -16.32
C THR A 22 16.16 23.32 -16.76
N CYS A 23 15.56 22.24 -17.23
CA CYS A 23 14.22 22.27 -17.79
C CYS A 23 13.27 21.41 -16.98
N ALA A 24 12.00 21.83 -16.95
CA ALA A 24 10.95 20.97 -16.44
C ALA A 24 10.45 20.02 -17.51
N MET A 25 10.51 20.44 -18.77
CA MET A 25 10.05 19.63 -19.89
C MET A 25 10.81 20.04 -21.14
N TYR A 26 10.90 19.11 -22.09
CA TYR A 26 11.59 19.37 -23.33
C TYR A 26 11.01 18.47 -24.41
N GLY A 27 10.68 19.05 -25.56
CA GLY A 27 10.10 18.30 -26.66
C GLY A 27 8.70 17.80 -26.36
N ASN A 28 8.22 16.92 -27.23
CA ASN A 28 6.88 16.35 -27.12
C ASN A 28 6.93 14.84 -27.22
N CYS A 29 6.01 14.19 -26.50
CA CYS A 29 5.96 12.74 -26.39
C CYS A 29 4.62 12.18 -26.86
N GLY A 30 4.06 12.76 -27.92
CA GLY A 30 2.84 12.24 -28.49
C GLY A 30 1.59 12.93 -27.98
N LYS A 31 0.46 12.50 -28.54
CA LYS A 31 -0.84 13.06 -28.23
C LYS A 31 -1.58 12.16 -27.26
N LYS A 32 -2.56 12.75 -26.58
CA LYS A 32 -3.43 12.00 -25.67
C LYS A 32 -4.73 11.58 -26.33
N SER A 33 -5.06 12.13 -27.48
CA SER A 33 -6.25 11.76 -28.23
C SER A 33 -5.94 11.82 -29.72
N VAL A 34 -6.75 11.14 -30.51
CA VAL A 34 -6.52 11.11 -31.95
C VAL A 34 -6.72 12.48 -32.60
N PHE A 35 -7.47 13.37 -31.95
CA PHE A 35 -7.68 14.71 -32.47
C PHE A 35 -6.89 15.79 -31.74
N GLY A 36 -6.37 15.50 -30.55
CA GLY A 36 -5.59 16.48 -29.83
C GLY A 36 -4.25 16.74 -30.47
N ASN A 37 -3.46 17.55 -29.76
CA ASN A 37 -2.11 17.92 -30.14
C ASN A 37 -1.12 17.20 -29.23
N GLU A 38 0.13 17.12 -29.69
CA GLU A 38 1.15 16.48 -28.87
C GLU A 38 1.44 17.33 -27.64
N LEU A 39 1.86 16.67 -26.57
CA LEU A 39 2.11 17.29 -25.27
C LEU A 39 3.55 17.08 -24.86
N PRO A 40 4.10 17.97 -24.03
CA PRO A 40 5.54 17.92 -23.73
C PRO A 40 5.93 16.74 -22.83
N CYS A 41 7.25 16.34 -22.95
CA CYS A 41 7.85 15.26 -22.15
C CYS A 41 8.46 15.83 -20.88
N PRO A 42 8.10 15.32 -19.71
CA PRO A 42 8.83 15.70 -18.49
C PRO A 42 10.25 15.19 -18.53
N VAL A 43 11.19 16.04 -18.14
CA VAL A 43 12.60 15.67 -18.09
C VAL A 43 13.13 15.86 -16.67
N PRO A 44 14.12 15.07 -16.24
CA PRO A 44 14.69 15.25 -14.90
C PRO A 44 15.46 16.56 -14.80
N ARG A 45 15.75 16.94 -13.56
CA ARG A 45 16.47 18.19 -13.31
C ARG A 45 17.89 18.15 -13.84
N SER A 46 18.52 16.98 -13.86
CA SER A 46 19.88 16.86 -14.36
C SER A 46 19.96 16.89 -15.88
N PHE A 47 18.82 16.95 -16.58
CA PHE A 47 18.83 16.99 -18.03
C PHE A 47 19.28 18.36 -18.51
N GLU A 48 20.20 18.37 -19.47
CA GLU A 48 20.63 19.61 -20.11
C GLU A 48 20.24 19.57 -21.58
N PRO A 49 19.53 20.58 -22.07
CA PRO A 49 19.10 20.58 -23.48
C PRO A 49 20.28 20.80 -24.40
N PRO A 50 20.15 20.41 -25.66
CA PRO A 50 21.22 20.65 -26.63
C PRO A 50 21.23 22.10 -27.09
N VAL A 51 22.20 22.44 -27.93
CA VAL A 51 22.30 23.78 -28.48
C VAL A 51 21.15 24.02 -29.45
N LEU A 52 20.61 25.23 -29.43
CA LEU A 52 19.55 25.59 -30.36
C LEU A 52 20.07 25.54 -31.79
N SER A 53 19.25 24.98 -32.68
CA SER A 53 19.58 24.99 -34.10
C SER A 53 19.42 26.40 -34.66
N ASP A 54 20.07 26.63 -35.80
CA ASP A 54 19.94 27.92 -36.47
C ASP A 54 18.49 28.21 -36.81
N GLU A 55 17.75 27.18 -37.24
CA GLU A 55 16.35 27.38 -37.60
C GLU A 55 15.50 27.71 -36.38
N THR A 56 15.74 27.03 -35.26
CA THR A 56 14.95 27.27 -34.06
C THR A 56 15.31 28.62 -33.43
N SER A 57 16.59 29.00 -33.47
CA SER A 57 17.01 30.28 -32.90
C SER A 57 16.40 31.44 -33.66
N LYS A 58 16.45 31.39 -35.00
CA LYS A 58 15.86 32.46 -35.81
C LYS A 58 14.36 32.57 -35.58
N LEU A 59 13.67 31.44 -35.48
CA LEU A 59 12.24 31.46 -35.26
C LEU A 59 11.91 31.95 -33.85
N LEU A 60 12.74 31.61 -32.87
CA LEU A 60 12.52 32.06 -31.50
C LEU A 60 12.63 33.59 -31.39
N VAL A 61 13.50 34.20 -32.19
CA VAL A 61 13.63 35.65 -32.16
C VAL A 61 12.40 36.31 -32.78
N GLU A 62 11.86 35.72 -33.85
CA GLU A 62 10.68 36.29 -34.50
C GLU A 62 9.47 36.26 -33.57
N VAL A 63 9.38 35.26 -32.70
CA VAL A 63 8.19 35.08 -31.87
C VAL A 63 8.33 35.77 -30.52
N CYS A 64 9.53 35.75 -29.94
CA CYS A 64 9.72 36.21 -28.57
C CYS A 64 10.55 37.48 -28.47
N GLY A 65 11.07 38.00 -29.58
CA GLY A 65 11.74 39.29 -29.59
C GLY A 65 13.24 39.17 -29.58
N GLU A 66 13.89 40.34 -29.69
CA GLU A 66 15.33 40.43 -29.78
C GLU A 66 16.04 40.03 -28.48
N GLU A 67 15.30 39.80 -27.41
CA GLU A 67 15.89 39.39 -26.14
C GLU A 67 16.54 38.01 -26.22
N TRP A 68 16.21 37.21 -27.24
CA TRP A 68 16.64 35.83 -27.31
C TRP A 68 17.71 35.60 -28.38
N LYS A 69 18.33 36.66 -28.89
CA LYS A 69 19.33 36.49 -29.94
C LYS A 69 20.54 35.71 -29.45
N GLU A 70 21.00 35.97 -28.23
CA GLU A 70 22.23 35.39 -27.72
C GLU A 70 21.99 34.08 -26.97
N VAL A 71 20.77 33.57 -26.95
CA VAL A 71 20.45 32.33 -26.26
C VAL A 71 20.85 31.15 -27.13
N ARG A 72 21.68 30.26 -26.59
CA ARG A 72 22.10 29.05 -27.29
C ARG A 72 21.47 27.78 -26.74
N TYR A 73 21.20 27.73 -25.44
CA TYR A 73 20.54 26.59 -24.81
C TYR A 73 19.17 27.02 -24.32
N ALA A 74 18.12 26.39 -24.83
CA ALA A 74 16.76 26.70 -24.45
C ALA A 74 16.03 25.41 -24.08
N CYS A 75 14.97 25.57 -23.30
CA CYS A 75 14.15 24.44 -22.86
C CYS A 75 13.02 24.12 -23.82
N CYS A 76 13.18 24.41 -25.11
CA CYS A 76 12.11 24.18 -26.07
C CYS A 76 12.68 23.75 -27.40
N THR A 77 11.91 22.96 -28.13
CA THR A 77 12.24 22.51 -29.47
C THR A 77 11.57 23.42 -30.51
N LYS A 78 11.84 23.14 -31.77
CA LYS A 78 11.20 23.91 -32.85
C LYS A 78 9.69 23.74 -32.83
N ASP A 79 9.21 22.51 -32.61
CA ASP A 79 7.77 22.28 -32.56
C ASP A 79 7.11 23.03 -31.41
N GLN A 80 7.80 23.18 -30.28
CA GLN A 80 7.22 23.92 -29.17
C GLN A 80 7.13 25.40 -29.47
N VAL A 81 8.10 25.95 -30.20
CA VAL A 81 8.05 27.36 -30.56
C VAL A 81 6.93 27.62 -31.56
N VAL A 82 6.73 26.68 -32.50
CA VAL A 82 5.65 26.84 -33.48
C VAL A 82 4.29 26.76 -32.80
N ALA A 83 4.13 25.85 -31.83
CA ALA A 83 2.88 25.80 -31.08
C ALA A 83 2.69 27.06 -30.25
N LEU A 84 3.77 27.59 -29.68
CA LEU A 84 3.69 28.86 -28.97
C LEU A 84 3.32 30.00 -29.90
N ARG A 85 3.85 29.98 -31.13
CA ARG A 85 3.55 31.06 -32.06
C ARG A 85 2.09 31.03 -32.49
N ASP A 86 1.55 29.83 -32.77
CA ASP A 86 0.18 29.73 -33.24
C ASP A 86 -0.81 30.20 -32.19
N ASN A 87 -0.53 29.94 -30.91
CA ASN A 87 -1.45 30.35 -29.86
C ASN A 87 -1.29 31.82 -29.49
N LEU A 88 -0.07 32.35 -29.57
CA LEU A 88 0.12 33.77 -29.30
C LEU A 88 -0.52 34.63 -30.38
N GLN A 89 -0.50 34.16 -31.63
CA GLN A 89 -1.10 34.93 -32.71
C GLN A 89 -2.62 34.96 -32.64
N LYS A 90 -3.23 34.01 -31.93
CA LYS A 90 -4.68 34.05 -31.75
C LYS A 90 -5.11 35.09 -30.73
N ALA A 91 -4.30 35.31 -29.69
CA ALA A 91 -4.61 36.30 -28.66
C ALA A 91 -3.95 37.65 -28.92
N GLN A 92 -2.99 37.71 -29.84
CA GLN A 92 -2.30 38.97 -30.12
C GLN A 92 -3.23 40.08 -30.58
N PRO A 93 -4.15 39.88 -31.55
CA PRO A 93 -4.99 41.01 -31.99
C PRO A 93 -5.89 41.57 -30.91
N LEU A 94 -6.11 40.83 -29.82
CA LEU A 94 -6.97 41.34 -28.75
C LEU A 94 -6.26 42.34 -27.85
N ILE A 95 -4.92 42.34 -27.85
CA ILE A 95 -4.17 43.21 -26.94
C ILE A 95 -3.07 43.93 -27.71
N SER A 96 -3.08 43.82 -29.05
CA SER A 96 -2.03 44.42 -29.86
C SER A 96 -2.04 45.93 -29.78
N SER A 97 -3.18 46.56 -29.46
CA SER A 97 -3.25 48.00 -29.37
C SER A 97 -2.47 48.56 -28.19
N CYS A 98 -2.21 47.75 -27.17
CA CYS A 98 -1.47 48.17 -26.00
C CYS A 98 -0.12 47.47 -25.98
N PRO A 99 0.96 48.13 -26.40
CA PRO A 99 2.26 47.43 -26.47
C PRO A 99 2.76 46.91 -25.13
N ALA A 100 2.49 47.64 -24.04
CA ALA A 100 2.97 47.19 -22.72
C ALA A 100 2.34 45.86 -22.34
N CYS A 101 1.03 45.71 -22.61
CA CYS A 101 0.38 44.44 -22.31
C CYS A 101 0.88 43.33 -23.23
N LEU A 102 1.00 43.62 -24.53
CA LEU A 102 1.48 42.63 -25.48
C LEU A 102 2.90 42.20 -25.13
N LYS A 103 3.75 43.14 -24.73
CA LYS A 103 5.11 42.79 -24.35
C LYS A 103 5.12 41.91 -23.10
N ASN A 104 4.34 42.27 -22.09
CA ASN A 104 4.26 41.45 -20.89
C ASN A 104 3.60 40.10 -21.18
N PHE A 105 2.59 40.09 -22.05
CA PHE A 105 1.88 38.84 -22.35
C PHE A 105 2.80 37.84 -23.00
N ASN A 106 3.49 38.26 -24.08
CA ASN A 106 4.39 37.35 -24.77
C ASN A 106 5.57 36.96 -23.88
N ASN A 107 6.07 37.89 -23.07
CA ASN A 107 7.23 37.60 -22.24
C ASN A 107 6.95 36.49 -21.24
N LEU A 108 5.70 36.38 -20.78
CA LEU A 108 5.35 35.34 -19.82
C LEU A 108 5.44 33.95 -20.45
N PHE A 109 4.76 33.76 -21.58
CA PHE A 109 4.71 32.43 -22.20
C PHE A 109 6.00 32.06 -22.92
N CYS A 110 6.83 33.05 -23.26
CA CYS A 110 8.11 32.73 -23.89
C CYS A 110 9.09 32.15 -22.87
N HIS A 111 9.20 32.76 -21.70
CA HIS A 111 10.04 32.19 -20.65
C HIS A 111 9.47 30.88 -20.16
N PHE A 112 8.14 30.76 -20.10
CA PHE A 112 7.54 29.51 -19.66
C PHE A 112 7.92 28.36 -20.57
N THR A 113 8.07 28.62 -21.87
CA THR A 113 8.31 27.56 -22.84
C THR A 113 9.80 27.33 -23.10
N CYS A 114 10.61 28.39 -23.11
CA CYS A 114 11.98 28.28 -23.61
C CYS A 114 13.07 28.76 -22.67
N ALA A 115 12.74 29.36 -21.53
CA ALA A 115 13.77 29.93 -20.68
C ALA A 115 14.68 28.84 -20.15
N ALA A 116 15.97 29.15 -20.06
CA ALA A 116 16.95 28.17 -19.61
C ALA A 116 16.83 27.85 -18.13
N ASP A 117 16.10 28.65 -17.36
CA ASP A 117 15.82 28.36 -15.96
C ASP A 117 14.40 27.84 -15.76
N GLN A 118 13.79 27.26 -16.80
CA GLN A 118 12.40 26.80 -16.70
C GLN A 118 12.25 25.76 -15.59
N GLY A 119 13.23 24.87 -15.44
CA GLY A 119 13.14 23.82 -14.44
C GLY A 119 13.11 24.32 -13.01
N ARG A 120 13.40 25.59 -12.78
CA ARG A 120 13.43 26.14 -11.42
C ARG A 120 12.17 26.91 -11.05
N PHE A 121 11.29 27.23 -12.01
CA PHE A 121 10.02 27.85 -11.67
C PHE A 121 8.82 27.11 -12.27
N VAL A 122 9.03 25.93 -12.84
CA VAL A 122 7.94 25.09 -13.35
C VAL A 122 8.09 23.71 -12.72
N ASN A 123 7.06 23.27 -12.01
CA ASN A 123 7.08 22.00 -11.30
C ASN A 123 5.98 21.09 -11.85
N ILE A 124 6.38 20.02 -12.53
CA ILE A 124 5.41 19.06 -13.06
C ILE A 124 4.82 18.26 -11.90
N THR A 125 3.49 18.22 -11.84
CA THR A 125 2.81 17.56 -10.73
C THR A 125 1.95 16.37 -11.13
N LYS A 126 1.58 16.24 -12.41
CA LYS A 126 0.76 15.12 -12.84
C LYS A 126 1.03 14.85 -14.32
N VAL A 127 1.17 13.57 -14.66
CA VAL A 127 1.43 13.14 -16.03
C VAL A 127 0.46 12.03 -16.40
N GLU A 128 0.37 11.78 -17.70
CA GLU A 128 -0.43 10.68 -18.25
C GLU A 128 0.33 10.06 -19.41
N LYS A 129 -0.15 8.90 -19.87
CA LYS A 129 0.47 8.21 -21.00
C LYS A 129 -0.17 8.64 -22.31
N SER A 130 0.66 8.84 -23.32
CA SER A 130 0.18 9.26 -24.63
C SER A 130 -0.07 8.06 -25.54
N LYS A 131 -0.63 8.34 -26.72
CA LYS A 131 -0.84 7.28 -27.70
C LYS A 131 0.47 6.63 -28.11
N GLU A 132 1.58 7.38 -28.06
CA GLU A 132 2.90 6.82 -28.30
C GLU A 132 3.46 6.12 -27.07
N ASP A 133 2.63 5.92 -26.04
CA ASP A 133 3.00 5.18 -24.83
C ASP A 133 4.16 5.83 -24.09
N LYS A 134 4.12 7.16 -23.99
CA LYS A 134 5.14 7.92 -23.28
C LYS A 134 4.47 8.89 -22.31
N ASP A 135 5.23 9.33 -21.32
CA ASP A 135 4.70 10.25 -20.32
C ASP A 135 4.60 11.66 -20.90
N ILE A 136 3.42 12.26 -20.78
CA ILE A 136 3.18 13.62 -21.22
C ILE A 136 2.63 14.40 -20.04
N VAL A 137 2.83 15.72 -20.08
CA VAL A 137 2.40 16.59 -18.99
C VAL A 137 0.88 16.64 -18.94
N ALA A 138 0.32 16.45 -17.74
CA ALA A 138 -1.10 16.60 -17.52
C ALA A 138 -1.45 17.78 -16.63
N GLU A 139 -0.58 18.12 -15.68
CA GLU A 139 -0.79 19.26 -14.79
C GLU A 139 0.56 19.67 -14.23
N LEU A 140 0.79 20.98 -14.15
CA LEU A 140 2.03 21.51 -13.60
C LEU A 140 1.74 22.77 -12.80
N ASP A 141 2.71 23.14 -11.97
CA ASP A 141 2.65 24.37 -11.18
C ASP A 141 3.68 25.36 -11.70
N VAL A 142 3.33 26.64 -11.67
CA VAL A 142 4.22 27.72 -12.07
C VAL A 142 4.32 28.67 -10.88
N PHE A 143 5.49 28.75 -10.29
CA PHE A 143 5.71 29.64 -9.15
C PHE A 143 5.81 31.06 -9.67
N MET A 144 4.87 31.91 -9.26
CA MET A 144 4.75 33.25 -9.80
C MET A 144 5.02 34.30 -8.73
N ASN A 145 5.72 35.36 -9.12
CA ASN A 145 6.01 36.48 -8.23
C ASN A 145 4.76 37.36 -8.20
N SER A 146 4.20 37.57 -7.01
CA SER A 146 2.98 38.37 -6.88
C SER A 146 3.11 39.74 -7.53
N SER A 147 4.22 40.44 -7.26
CA SER A 147 4.40 41.78 -7.82
C SER A 147 4.42 41.77 -9.33
N TRP A 148 4.99 40.73 -9.96
CA TRP A 148 5.00 40.67 -11.41
C TRP A 148 3.60 40.39 -11.97
N ALA A 149 2.89 39.44 -11.37
CA ALA A 149 1.55 39.13 -11.86
C ALA A 149 0.60 40.30 -11.65
N SER A 150 0.78 41.05 -10.55
CA SER A 150 -0.08 42.20 -10.30
C SER A 150 0.13 43.27 -11.35
N GLU A 151 1.39 43.61 -11.64
CA GLU A 151 1.68 44.64 -12.62
C GLU A 151 1.31 44.16 -14.03
N PHE A 152 1.39 42.86 -14.27
CA PHE A 152 0.96 42.31 -15.55
C PHE A 152 -0.53 42.51 -15.78
N TYR A 153 -1.34 42.25 -14.75
CA TYR A 153 -2.79 42.45 -14.88
C TYR A 153 -3.15 43.92 -15.01
N ASP A 154 -2.41 44.79 -14.32
CA ASP A 154 -2.70 46.22 -14.39
C ASP A 154 -2.48 46.79 -15.79
N SER A 155 -1.69 46.11 -16.63
CA SER A 155 -1.40 46.61 -17.97
C SER A 155 -2.38 46.13 -19.02
N CYS A 156 -3.24 45.16 -18.70
CA CYS A 156 -4.18 44.61 -19.65
C CYS A 156 -5.64 44.77 -19.24
N LYS A 157 -5.92 45.19 -18.01
CA LYS A 157 -7.29 45.17 -17.50
C LYS A 157 -8.19 46.19 -18.16
N ASN A 158 -7.63 47.26 -18.75
CA ASN A 158 -8.42 48.37 -19.25
C ASN A 158 -8.38 48.47 -20.77
N ILE A 159 -7.90 47.43 -21.47
CA ILE A 159 -7.84 47.49 -22.92
C ILE A 159 -9.25 47.40 -23.49
N LYS A 160 -9.57 48.32 -24.39
CA LYS A 160 -10.88 48.37 -25.04
C LYS A 160 -10.81 47.72 -26.40
N PHE A 161 -11.73 46.80 -26.68
CA PHE A 161 -11.87 46.25 -28.01
C PHE A 161 -12.63 47.26 -28.87
N SER A 162 -11.98 47.77 -29.90
CA SER A 162 -12.55 48.83 -30.71
C SER A 162 -13.83 48.36 -31.41
N ALA A 163 -14.67 49.33 -31.77
CA ALA A 163 -15.90 49.12 -32.53
C ALA A 163 -16.99 48.44 -31.71
N THR A 164 -16.72 47.24 -31.18
CA THR A 164 -17.73 46.53 -30.39
C THR A 164 -17.72 46.96 -28.92
N ASN A 165 -17.09 48.09 -28.60
CA ASN A 165 -17.13 48.79 -27.32
C ASN A 165 -17.05 47.90 -26.07
N GLY A 166 -16.31 46.79 -26.15
CA GLY A 166 -16.14 45.91 -25.02
C GLY A 166 -14.75 46.00 -24.40
N TYR A 167 -14.54 45.13 -23.40
CA TYR A 167 -13.26 45.02 -22.70
C TYR A 167 -12.48 43.81 -23.22
N ALA A 168 -11.19 44.01 -23.48
CA ALA A 168 -10.35 42.89 -23.91
C ALA A 168 -10.17 41.85 -22.81
N MET A 169 -10.25 42.27 -21.54
CA MET A 169 -10.14 41.35 -20.42
C MET A 169 -11.29 40.35 -20.36
N ASP A 170 -12.42 40.64 -21.01
CA ASP A 170 -13.52 39.70 -21.04
C ASP A 170 -13.26 38.48 -21.91
N LEU A 171 -12.23 38.52 -22.76
CA LEU A 171 -11.90 37.40 -23.63
C LEU A 171 -10.62 36.70 -23.20
N ILE A 172 -9.51 37.43 -23.07
CA ILE A 172 -8.26 36.80 -22.65
C ILE A 172 -8.26 36.46 -21.17
N GLY A 173 -9.17 37.06 -20.39
CA GLY A 173 -9.21 36.82 -18.96
C GLY A 173 -10.56 36.37 -18.46
N GLY A 174 -11.53 36.27 -19.36
CA GLY A 174 -12.88 35.89 -18.97
C GLY A 174 -13.54 36.84 -18.01
N GLY A 175 -13.17 38.11 -18.05
CA GLY A 175 -13.68 39.08 -17.10
C GLY A 175 -13.00 39.02 -15.74
N ALA A 176 -11.70 38.78 -15.73
CA ALA A 176 -10.98 38.65 -14.46
C ALA A 176 -10.95 39.97 -13.72
N LYS A 177 -11.18 39.91 -12.41
CA LYS A 177 -11.25 41.09 -11.58
C LYS A 177 -9.94 41.42 -10.88
N ASN A 178 -9.05 40.43 -10.74
CA ASN A 178 -7.73 40.62 -10.16
C ASN A 178 -6.73 39.73 -10.90
N TYR A 179 -5.46 39.84 -10.54
CA TYR A 179 -4.42 39.12 -11.29
C TYR A 179 -4.54 37.60 -11.12
N SER A 180 -4.96 37.13 -9.95
CA SER A 180 -5.05 35.68 -9.74
C SER A 180 -6.13 35.08 -10.63
N GLN A 181 -7.25 35.77 -10.81
CA GLN A 181 -8.28 35.26 -11.72
C GLN A 181 -7.82 35.36 -13.17
N PHE A 182 -6.95 36.31 -13.48
CA PHE A 182 -6.42 36.44 -14.83
C PHE A 182 -5.57 35.23 -15.20
N LEU A 183 -4.53 34.96 -14.40
CA LEU A 183 -3.67 33.82 -14.67
C LEU A 183 -4.43 32.50 -14.57
N LYS A 184 -5.45 32.43 -13.71
CA LYS A 184 -6.25 31.22 -13.63
C LYS A 184 -6.99 30.97 -14.93
N PHE A 185 -7.52 32.03 -15.54
CA PHE A 185 -8.18 31.86 -16.82
C PHE A 185 -7.18 31.45 -17.90
N LEU A 186 -5.94 31.94 -17.82
CA LEU A 186 -4.94 31.58 -18.82
C LEU A 186 -4.39 30.18 -18.62
N GLY A 187 -4.33 29.70 -17.37
CA GLY A 187 -3.72 28.42 -17.09
C GLY A 187 -4.66 27.25 -17.09
N ASP A 188 -5.95 27.50 -16.90
CA ASP A 188 -6.93 26.41 -16.87
C ASP A 188 -6.97 25.70 -18.22
N ALA A 189 -7.11 24.38 -18.17
CA ALA A 189 -7.04 23.54 -19.35
C ALA A 189 -8.26 23.81 -20.24
N LYS A 190 -8.02 24.45 -21.38
CA LYS A 190 -9.05 24.71 -22.39
C LYS A 190 -8.51 24.29 -23.76
N PRO A 191 -8.35 22.99 -24.00
CA PRO A 191 -7.78 22.57 -25.29
C PRO A 191 -8.71 22.82 -26.46
N MET A 192 -10.01 22.59 -26.27
CA MET A 192 -10.97 22.79 -27.36
C MET A 192 -11.24 24.26 -27.64
N LEU A 193 -10.94 25.16 -26.70
CA LEU A 193 -11.21 26.58 -26.84
C LEU A 193 -9.96 27.39 -27.15
N GLY A 194 -8.92 26.75 -27.65
CA GLY A 194 -7.71 27.48 -28.01
C GLY A 194 -6.89 27.96 -26.83
N GLY A 195 -7.08 27.38 -25.65
CA GLY A 195 -6.34 27.74 -24.45
C GLY A 195 -5.22 26.76 -24.17
N SER A 196 -5.01 26.49 -22.89
CA SER A 196 -3.93 25.59 -22.48
C SER A 196 -4.32 24.14 -22.73
N PRO A 197 -3.45 23.35 -23.37
CA PRO A 197 -3.78 21.92 -23.59
C PRO A 197 -3.80 21.11 -22.31
N PHE A 198 -3.16 21.59 -21.24
CA PHE A 198 -3.12 20.90 -19.97
C PHE A 198 -3.31 21.92 -18.85
N GLN A 199 -3.55 21.42 -17.65
CA GLN A 199 -3.82 22.30 -16.52
C GLN A 199 -2.53 22.96 -16.04
N ILE A 200 -2.54 24.28 -15.97
CA ILE A 200 -1.41 25.07 -15.47
C ILE A 200 -1.90 25.88 -14.30
N ASN A 201 -1.37 25.60 -13.11
CA ASN A 201 -1.72 26.32 -11.89
C ASN A 201 -0.62 27.30 -11.55
N TYR A 202 -0.97 28.55 -11.28
CA TYR A 202 -0.03 29.58 -10.88
C TYR A 202 -0.02 29.67 -9.36
N LYS A 203 1.14 29.42 -8.75
CA LYS A 203 1.30 29.44 -7.31
C LYS A 203 2.00 30.71 -6.89
N TYR A 204 1.54 31.30 -5.79
CA TYR A 204 2.11 32.54 -5.27
C TYR A 204 2.67 32.37 -3.86
N ASP A 205 2.70 31.14 -3.34
CA ASP A 205 3.09 30.87 -1.96
C ASP A 205 4.37 30.04 -1.89
N LEU A 206 5.30 30.29 -2.81
CA LEU A 206 6.57 29.57 -2.79
C LEU A 206 7.39 30.02 -1.59
N ALA A 207 7.76 29.07 -0.73
CA ALA A 207 8.49 29.39 0.48
C ALA A 207 9.88 29.93 0.16
N ASN A 208 10.36 30.84 1.00
CA ASN A 208 11.70 31.38 0.83
C ASN A 208 12.77 30.35 1.17
N GLU A 209 12.44 29.37 2.02
CA GLU A 209 13.39 28.31 2.34
C GLU A 209 13.70 27.42 1.14
N GLU A 210 12.80 27.38 0.15
CA GLU A 210 13.03 26.58 -1.06
C GLU A 210 14.06 27.28 -1.93
N LYS A 211 15.32 26.82 -1.86
CA LYS A 211 16.37 27.41 -2.66
C LYS A 211 16.54 26.72 -4.01
N GLU A 212 16.07 25.49 -4.15
CA GLU A 212 16.10 24.78 -5.43
C GLU A 212 15.01 25.24 -6.39
N TRP A 213 14.02 25.97 -5.90
CA TRP A 213 12.98 26.56 -6.72
C TRP A 213 13.07 28.08 -6.66
N GLN A 214 12.44 28.72 -7.64
CA GLN A 214 12.37 30.18 -7.66
C GLN A 214 11.09 30.58 -8.35
N GLU A 215 10.65 31.81 -8.08
CA GLU A 215 9.45 32.34 -8.70
C GLU A 215 9.80 33.02 -10.01
N PHE A 216 8.88 32.93 -10.96
CA PHE A 216 9.05 33.66 -12.21
C PHE A 216 9.08 35.16 -11.92
N ASN A 217 10.11 35.83 -12.41
CA ASN A 217 10.20 37.27 -12.19
C ASN A 217 11.06 37.87 -13.30
N ASP A 218 10.43 38.66 -14.17
CA ASP A 218 11.14 39.35 -15.23
C ASP A 218 10.82 40.84 -15.18
N GLU A 219 11.29 41.58 -16.17
CA GLU A 219 10.92 42.99 -16.31
C GLU A 219 9.45 43.10 -16.71
N VAL A 220 8.72 43.98 -16.03
CA VAL A 220 7.30 44.20 -16.32
C VAL A 220 7.10 45.65 -16.74
N TYR A 221 6.18 45.87 -17.68
CA TYR A 221 5.91 47.18 -18.25
C TYR A 221 4.48 47.59 -17.95
N ALA A 222 4.30 48.78 -17.36
CA ALA A 222 2.97 49.33 -17.16
C ALA A 222 2.48 49.98 -18.46
N CYS A 223 1.16 50.14 -18.55
CA CYS A 223 0.57 50.65 -19.78
C CYS A 223 0.87 52.13 -20.02
N ASP A 224 1.43 52.82 -19.03
CA ASP A 224 1.87 54.20 -19.19
C ASP A 224 3.38 54.32 -19.32
N ASP A 225 4.08 53.20 -19.53
CA ASP A 225 5.52 53.24 -19.73
C ASP A 225 5.86 53.99 -21.00
N ALA A 226 7.02 54.68 -20.98
CA ALA A 226 7.38 55.54 -22.11
C ALA A 226 7.62 54.73 -23.37
N GLN A 227 8.32 53.61 -23.27
CA GLN A 227 8.67 52.85 -24.47
C GLN A 227 7.47 52.10 -25.04
N TYR A 228 6.52 51.73 -24.19
CA TYR A 228 5.36 50.93 -24.60
C TYR A 228 4.07 51.59 -24.13
N LYS A 229 3.91 52.87 -24.44
CA LYS A 229 2.74 53.61 -23.98
C LYS A 229 1.50 53.21 -24.75
N CYS A 230 0.40 53.01 -24.03
CA CYS A 230 -0.89 52.69 -24.61
C CYS A 230 -1.78 53.92 -24.57
N ALA A 231 -2.80 53.91 -25.42
CA ALA A 231 -3.70 55.05 -25.51
C ALA A 231 -4.49 55.22 -24.22
N CYS A 232 -4.93 56.45 -23.98
CA CYS A 232 -5.74 56.73 -22.80
C CYS A 232 -7.02 55.92 -22.79
N SER A 233 -7.58 55.61 -23.96
CA SER A 233 -8.76 54.78 -24.03
C SER A 233 -8.51 53.38 -23.48
N ASP A 234 -7.26 52.90 -23.58
CA ASP A 234 -6.90 51.58 -23.08
C ASP A 234 -6.10 51.61 -21.79
N CYS A 235 -5.56 52.76 -21.39
CA CYS A 235 -4.74 52.87 -20.20
C CYS A 235 -5.21 54.05 -19.37
N GLN A 236 -5.48 53.81 -18.10
CA GLN A 236 -5.96 54.89 -17.23
C GLN A 236 -4.84 55.86 -16.88
N GLU A 237 -3.67 55.34 -16.51
CA GLU A 237 -2.57 56.22 -16.13
C GLU A 237 -2.02 57.04 -17.28
N SER A 238 -2.35 56.70 -18.52
CA SER A 238 -1.89 57.47 -19.65
C SER A 238 -2.79 58.66 -19.95
N CYS A 239 -3.89 58.83 -19.19
CA CYS A 239 -4.81 59.92 -19.44
C CYS A 239 -4.38 61.16 -18.67
N PRO A 240 -4.61 62.33 -19.27
CA PRO A 240 -4.41 63.60 -18.56
C PRO A 240 -5.54 63.85 -17.56
N HIS A 241 -5.29 64.78 -16.64
CA HIS A 241 -6.26 65.11 -15.61
C HIS A 241 -6.87 66.49 -15.91
N THR B 20 2.21 4.98 -5.57
CA THR B 20 3.25 4.59 -4.63
C THR B 20 4.54 4.24 -5.35
N ALA B 21 5.09 5.20 -6.11
CA ALA B 21 6.30 4.91 -6.86
C ALA B 21 6.98 6.15 -7.41
N THR B 22 7.93 6.70 -6.65
CA THR B 22 8.73 7.83 -7.09
C THR B 22 10.20 7.43 -7.03
N CYS B 23 10.89 7.54 -8.16
CA CYS B 23 12.28 7.10 -8.24
C CYS B 23 13.19 8.28 -8.56
N ALA B 24 14.42 8.19 -8.05
CA ALA B 24 15.48 9.08 -8.50
C ALA B 24 16.18 8.53 -9.73
N MET B 25 16.22 7.22 -9.87
CA MET B 25 16.87 6.57 -11.00
C MET B 25 16.19 5.23 -11.24
N TYR B 26 16.28 4.76 -12.49
CA TYR B 26 15.68 3.49 -12.84
C TYR B 26 16.42 2.91 -14.04
N GLY B 27 16.78 1.62 -13.95
CA GLY B 27 17.47 0.97 -15.03
C GLY B 27 18.88 1.51 -15.19
N ASN B 28 19.52 1.11 -16.31
CA ASN B 28 20.88 1.50 -16.61
C ASN B 28 20.97 2.05 -18.03
N CYS B 29 21.87 3.02 -18.20
CA CYS B 29 22.04 3.75 -19.45
C CYS B 29 23.46 3.62 -20.01
N GLY B 30 24.05 2.44 -19.86
CA GLY B 30 25.36 2.17 -20.41
C GLY B 30 26.47 2.38 -19.39
N LYS B 31 27.69 2.08 -19.84
CA LYS B 31 28.89 2.18 -19.03
C LYS B 31 29.66 3.45 -19.38
N LYS B 32 30.51 3.88 -18.44
CA LYS B 32 31.39 5.01 -18.68
C LYS B 32 32.81 4.60 -19.06
N SER B 33 33.18 3.33 -18.83
CA SER B 33 34.49 2.83 -19.22
C SER B 33 34.36 1.37 -19.60
N VAL B 34 35.35 0.88 -20.35
CA VAL B 34 35.34 -0.50 -20.79
C VAL B 34 35.51 -1.43 -19.59
N PHE B 35 34.89 -2.61 -19.68
CA PHE B 35 34.95 -3.65 -18.66
C PHE B 35 34.26 -3.22 -17.37
N GLY B 36 33.97 -1.93 -17.24
CA GLY B 36 33.27 -1.42 -16.08
C GLY B 36 31.83 -1.90 -16.07
N ASN B 37 31.06 -1.33 -15.13
CA ASN B 37 29.66 -1.70 -14.98
C ASN B 37 28.76 -0.59 -15.50
N GLU B 38 27.53 -0.98 -15.87
CA GLU B 38 26.55 -0.02 -16.33
C GLU B 38 26.09 0.85 -15.16
N LEU B 39 25.68 2.08 -15.48
CA LEU B 39 25.30 3.04 -14.45
C LEU B 39 23.84 3.47 -14.61
N PRO B 40 23.17 3.85 -13.53
CA PRO B 40 21.72 4.09 -13.60
C PRO B 40 21.36 5.34 -14.36
N CYS B 41 20.10 5.33 -14.90
CA CYS B 41 19.53 6.47 -15.63
C CYS B 41 18.77 7.37 -14.66
N PRO B 42 19.07 8.66 -14.59
CA PRO B 42 18.23 9.57 -13.82
C PRO B 42 16.86 9.68 -14.46
N VAL B 43 15.81 9.60 -13.64
CA VAL B 43 14.44 9.73 -14.13
C VAL B 43 13.75 10.87 -13.41
N PRO B 44 12.80 11.56 -14.04
CA PRO B 44 12.09 12.65 -13.36
C PRO B 44 11.20 12.11 -12.24
N ARG B 45 10.77 13.03 -11.38
CA ARG B 45 9.96 12.66 -10.23
C ARG B 45 8.60 12.10 -10.64
N SER B 46 8.06 12.57 -11.76
CA SER B 46 6.76 12.10 -12.23
C SER B 46 6.82 10.71 -12.86
N PHE B 47 8.02 10.13 -12.97
CA PHE B 47 8.16 8.81 -13.54
C PHE B 47 7.65 7.75 -12.57
N GLU B 48 6.84 6.83 -13.08
CA GLU B 48 6.38 5.70 -12.31
C GLU B 48 6.94 4.42 -12.91
N PRO B 49 7.64 3.59 -12.15
CA PRO B 49 8.18 2.34 -12.69
C PRO B 49 7.08 1.35 -12.97
N PRO B 50 7.34 0.35 -13.81
CA PRO B 50 6.33 -0.67 -14.10
C PRO B 50 6.23 -1.69 -12.96
N VAL B 51 5.30 -2.62 -13.14
CA VAL B 51 5.14 -3.71 -12.18
C VAL B 51 6.35 -4.62 -12.23
N LEU B 52 6.77 -5.12 -11.08
CA LEU B 52 7.87 -6.07 -11.02
C LEU B 52 7.51 -7.36 -11.75
N SER B 53 8.46 -7.88 -12.51
CA SER B 53 8.27 -9.18 -13.14
C SER B 53 8.31 -10.28 -12.08
N ASP B 54 7.74 -11.44 -12.42
CA ASP B 54 7.80 -12.58 -11.52
C ASP B 54 9.23 -12.98 -11.25
N GLU B 55 10.09 -12.91 -12.26
CA GLU B 55 11.51 -13.23 -12.07
C GLU B 55 12.20 -12.20 -11.20
N THR B 56 11.91 -10.92 -11.42
CA THR B 56 12.55 -9.87 -10.64
C THR B 56 12.06 -9.86 -9.20
N SER B 57 10.76 -10.11 -9.00
CA SER B 57 10.19 -10.12 -7.65
C SER B 57 10.76 -11.26 -6.81
N LYS B 58 10.84 -12.46 -7.39
CA LYS B 58 11.39 -13.59 -6.66
C LYS B 58 12.86 -13.37 -6.32
N LEU B 59 13.63 -12.79 -7.25
CA LEU B 59 15.03 -12.52 -6.99
C LEU B 59 15.21 -11.44 -5.94
N LEU B 60 14.32 -10.44 -5.94
CA LEU B 60 14.38 -9.39 -4.94
C LEU B 60 14.14 -9.94 -3.54
N VAL B 61 13.29 -10.97 -3.42
CA VAL B 61 13.05 -11.59 -2.12
C VAL B 61 14.27 -12.37 -1.67
N GLU B 62 14.95 -13.05 -2.61
CA GLU B 62 16.13 -13.83 -2.24
C GLU B 62 17.26 -12.93 -1.76
N VAL B 63 17.34 -11.70 -2.26
CA VAL B 63 18.46 -10.81 -1.93
C VAL B 63 18.12 -9.89 -0.77
N CYS B 64 16.87 -9.43 -0.67
CA CYS B 64 16.49 -8.42 0.31
C CYS B 64 15.56 -8.94 1.39
N GLY B 65 15.12 -10.19 1.31
CA GLY B 65 14.35 -10.80 2.37
C GLY B 65 12.85 -10.78 2.10
N GLU B 66 12.12 -11.40 3.03
CA GLU B 66 10.68 -11.56 2.93
C GLU B 66 9.93 -10.24 3.08
N GLU B 67 10.63 -9.15 3.41
CA GLU B 67 9.99 -7.85 3.54
C GLU B 67 9.46 -7.32 2.21
N TRP B 68 9.89 -7.88 1.09
CA TRP B 68 9.55 -7.39 -0.24
C TRP B 68 8.55 -8.29 -0.97
N LYS B 69 7.87 -9.19 -0.24
CA LYS B 69 6.91 -10.09 -0.88
C LYS B 69 5.76 -9.31 -1.50
N GLU B 70 5.25 -8.30 -0.81
CA GLU B 70 4.09 -7.56 -1.25
C GLU B 70 4.44 -6.34 -2.08
N VAL B 71 5.71 -6.12 -2.38
CA VAL B 71 6.12 -4.99 -3.21
C VAL B 71 5.88 -5.34 -4.68
N ARG B 72 5.08 -4.53 -5.36
CA ARG B 72 4.82 -4.71 -6.78
C ARG B 72 5.47 -3.67 -7.66
N TYR B 73 5.63 -2.44 -7.16
CA TYR B 73 6.31 -1.37 -7.87
C TYR B 73 7.60 -1.04 -7.15
N ALA B 74 8.72 -1.21 -7.84
CA ALA B 74 10.03 -0.95 -7.27
C ALA B 74 10.83 -0.04 -8.19
N CYS B 75 11.81 0.65 -7.62
CA CYS B 75 12.68 1.55 -8.37
C CYS B 75 13.91 0.86 -8.93
N CYS B 76 13.83 -0.44 -9.23
CA CYS B 76 15.00 -1.16 -9.71
C CYS B 76 14.58 -2.20 -10.73
N THR B 77 15.48 -2.51 -11.65
CA THR B 77 15.30 -3.53 -12.66
C THR B 77 15.96 -4.83 -12.21
N LYS B 78 15.85 -5.86 -13.07
CA LYS B 78 16.50 -7.13 -12.77
C LYS B 78 18.02 -6.99 -12.76
N ASP B 79 18.57 -6.23 -13.70
CA ASP B 79 20.02 -6.03 -13.74
C ASP B 79 20.51 -5.32 -12.49
N GLN B 80 19.72 -4.39 -11.95
CA GLN B 80 20.11 -3.69 -10.74
C GLN B 80 20.07 -4.60 -9.53
N VAL B 81 19.12 -5.55 -9.50
CA VAL B 81 19.05 -6.49 -8.39
C VAL B 81 20.23 -7.45 -8.44
N VAL B 82 20.61 -7.88 -9.64
CA VAL B 82 21.76 -8.78 -9.78
C VAL B 82 23.04 -8.05 -9.39
N ALA B 83 23.17 -6.78 -9.79
CA ALA B 83 24.32 -5.99 -9.38
C ALA B 83 24.33 -5.79 -7.87
N LEU B 84 23.15 -5.58 -7.28
CA LEU B 84 23.05 -5.52 -5.82
C LEU B 84 23.41 -6.86 -5.19
N ARG B 85 23.03 -7.95 -5.85
CA ARG B 85 23.34 -9.27 -5.32
C ARG B 85 24.84 -9.55 -5.33
N ASP B 86 25.51 -9.19 -6.42
CA ASP B 86 26.95 -9.47 -6.53
C ASP B 86 27.76 -8.70 -5.50
N ASN B 87 27.36 -7.45 -5.20
CA ASN B 87 28.12 -6.64 -4.27
C ASN B 87 27.78 -6.97 -2.81
N LEU B 88 26.53 -7.33 -2.52
CA LEU B 88 26.19 -7.73 -1.16
C LEU B 88 26.85 -9.06 -0.79
N GLN B 89 27.00 -9.97 -1.76
CA GLN B 89 27.62 -11.26 -1.48
C GLN B 89 29.12 -11.13 -1.21
N LYS B 90 29.75 -10.05 -1.64
CA LYS B 90 31.16 -9.85 -1.33
C LYS B 90 31.36 -9.38 0.11
N ALA B 91 30.43 -8.58 0.64
CA ALA B 91 30.50 -8.09 2.01
C ALA B 91 29.72 -8.94 2.99
N GLN B 92 28.87 -9.84 2.51
CA GLN B 92 28.06 -10.67 3.40
C GLN B 92 28.90 -11.55 4.34
N PRO B 93 29.91 -12.29 3.88
CA PRO B 93 30.65 -13.15 4.81
C PRO B 93 31.40 -12.39 5.89
N LEU B 94 31.60 -11.07 5.72
CA LEU B 94 32.34 -10.29 6.72
C LEU B 94 31.48 -9.92 7.92
N ILE B 95 30.15 -9.93 7.79
CA ILE B 95 29.28 -9.50 8.88
C ILE B 95 28.16 -10.50 9.10
N SER B 96 28.26 -11.66 8.45
CA SER B 96 27.19 -12.67 8.54
C SER B 96 27.03 -13.22 9.95
N SER B 97 28.08 -13.16 10.78
CA SER B 97 27.98 -13.69 12.14
C SER B 97 27.05 -12.88 13.03
N CYS B 98 26.81 -11.61 12.70
CA CYS B 98 25.93 -10.76 13.49
C CYS B 98 24.68 -10.45 12.68
N PRO B 99 23.55 -11.13 12.93
CA PRO B 99 22.36 -10.89 12.10
C PRO B 99 21.84 -9.47 12.17
N ALA B 100 21.96 -8.81 13.32
CA ALA B 100 21.45 -7.44 13.44
C ALA B 100 22.18 -6.50 12.49
N CYS B 101 23.51 -6.64 12.39
CA CYS B 101 24.27 -5.81 11.46
C CYS B 101 23.97 -6.20 10.01
N LEU B 102 23.94 -7.50 9.72
CA LEU B 102 23.64 -7.95 8.37
C LEU B 102 22.26 -7.50 7.92
N LYS B 103 21.27 -7.58 8.82
CA LYS B 103 19.93 -7.11 8.48
C LYS B 103 19.92 -5.61 8.22
N ASN B 104 20.58 -4.84 9.09
CA ASN B 104 20.66 -3.40 8.89
C ASN B 104 21.47 -3.05 7.64
N PHE B 105 22.53 -3.81 7.37
CA PHE B 105 23.38 -3.54 6.21
C PHE B 105 22.61 -3.72 4.91
N ASN B 106 21.99 -4.89 4.73
CA ASN B 106 21.26 -5.15 3.49
C ASN B 106 20.05 -4.24 3.35
N ASN B 107 19.38 -3.95 4.46
CA ASN B 107 18.17 -3.12 4.39
C ASN B 107 18.47 -1.72 3.88
N LEU B 108 19.67 -1.21 4.16
CA LEU B 108 20.03 0.13 3.66
C LEU B 108 20.16 0.12 2.15
N PHE B 109 20.99 -0.78 1.61
CA PHE B 109 21.23 -0.79 0.17
C PHE B 109 20.05 -1.33 -0.62
N CYS B 110 19.17 -2.11 0.02
CA CYS B 110 17.98 -2.58 -0.68
C CYS B 110 16.98 -1.46 -0.86
N HIS B 111 16.74 -0.66 0.18
CA HIS B 111 15.88 0.49 0.03
C HIS B 111 16.51 1.53 -0.89
N PHE B 112 17.84 1.67 -0.84
CA PHE B 112 18.50 2.61 -1.73
C PHE B 112 18.31 2.23 -3.19
N THR B 113 18.26 0.93 -3.49
CA THR B 113 18.20 0.46 -4.87
C THR B 113 16.77 0.26 -5.36
N CYS B 114 15.87 -0.21 -4.49
CA CYS B 114 14.57 -0.70 -4.94
C CYS B 114 13.36 -0.10 -4.24
N ALA B 115 13.53 0.73 -3.21
CA ALA B 115 12.36 1.23 -2.49
C ALA B 115 11.52 2.12 -3.39
N ALA B 116 10.20 2.04 -3.20
CA ALA B 116 9.28 2.81 -4.03
C ALA B 116 9.33 4.30 -3.70
N ASP B 117 9.90 4.68 -2.56
CA ASP B 117 10.09 6.08 -2.19
C ASP B 117 11.53 6.55 -2.38
N GLN B 118 12.29 5.88 -3.26
CA GLN B 118 13.69 6.24 -3.46
C GLN B 118 13.84 7.68 -3.90
N GLY B 119 12.95 8.16 -4.76
CA GLY B 119 13.03 9.52 -5.28
C GLY B 119 12.84 10.59 -4.22
N ARG B 120 12.41 10.22 -3.01
CA ARG B 120 12.19 11.19 -1.94
C ARG B 120 13.34 11.26 -0.95
N PHE B 121 14.27 10.30 -0.97
CA PHE B 121 15.46 10.40 -0.13
C PHE B 121 16.76 10.26 -0.91
N VAL B 122 16.71 10.25 -2.24
CA VAL B 122 17.90 10.23 -3.08
C VAL B 122 17.80 11.39 -4.06
N ASN B 123 18.78 12.28 -4.04
CA ASN B 123 18.80 13.46 -4.90
C ASN B 123 20.03 13.41 -5.79
N ILE B 124 19.82 13.22 -7.10
CA ILE B 124 20.93 13.20 -8.04
C ILE B 124 21.44 14.62 -8.23
N THR B 125 22.76 14.79 -8.09
CA THR B 125 23.37 16.11 -8.14
C THR B 125 24.34 16.30 -9.30
N LYS B 126 24.83 15.23 -9.91
CA LYS B 126 25.76 15.34 -11.03
C LYS B 126 25.63 14.11 -11.91
N VAL B 127 25.62 14.32 -13.23
CA VAL B 127 25.51 13.23 -14.19
C VAL B 127 26.60 13.36 -15.25
N GLU B 128 26.81 12.27 -15.99
CA GLU B 128 27.78 12.22 -17.08
C GLU B 128 27.16 11.46 -18.24
N LYS B 129 27.83 11.52 -19.38
CA LYS B 129 27.40 10.80 -20.58
C LYS B 129 28.09 9.44 -20.65
N SER B 130 27.33 8.42 -21.02
CA SER B 130 27.86 7.07 -21.13
C SER B 130 28.31 6.79 -22.56
N LYS B 131 28.91 5.62 -22.75
CA LYS B 131 29.34 5.20 -24.08
C LYS B 131 28.15 5.11 -25.04
N GLU B 132 26.97 4.81 -24.52
CA GLU B 132 25.74 4.81 -25.30
C GLU B 132 25.16 6.22 -25.47
N ASP B 133 25.92 7.25 -25.09
CA ASP B 133 25.54 8.64 -25.29
C ASP B 133 24.24 8.98 -24.55
N LYS B 134 24.13 8.50 -23.32
CA LYS B 134 22.98 8.77 -22.47
C LYS B 134 23.46 9.24 -21.10
N ASP B 135 22.58 9.93 -20.38
CA ASP B 135 22.94 10.45 -19.07
C ASP B 135 22.98 9.33 -18.04
N ILE B 136 24.08 9.25 -17.31
CA ILE B 136 24.24 8.29 -16.24
C ILE B 136 24.60 9.03 -14.95
N VAL B 137 24.27 8.40 -13.83
CA VAL B 137 24.51 9.03 -12.53
C VAL B 137 26.01 9.11 -12.27
N ALA B 138 26.47 10.29 -11.84
CA ALA B 138 27.85 10.50 -11.43
C ALA B 138 27.99 10.79 -9.94
N GLU B 139 27.01 11.47 -9.34
CA GLU B 139 27.04 11.78 -7.91
C GLU B 139 25.63 12.06 -7.44
N LEU B 140 25.29 11.54 -6.27
CA LEU B 140 23.97 11.76 -5.69
C LEU B 140 24.10 11.93 -4.17
N ASP B 141 23.05 12.51 -3.59
CA ASP B 141 22.96 12.70 -2.14
C ASP B 141 21.86 11.81 -1.57
N VAL B 142 22.11 11.30 -0.37
CA VAL B 142 21.16 10.46 0.36
C VAL B 142 20.90 11.11 1.70
N PHE B 143 19.68 11.58 1.90
CA PHE B 143 19.29 12.20 3.17
C PHE B 143 19.11 11.12 4.23
N MET B 144 19.91 11.20 5.29
CA MET B 144 19.99 10.17 6.32
C MET B 144 19.47 10.72 7.64
N ASN B 145 18.78 9.87 8.40
CA ASN B 145 18.19 10.24 9.68
C ASN B 145 19.23 10.35 10.81
N SER B 146 20.46 9.90 10.58
CA SER B 146 21.55 9.95 11.55
C SER B 146 21.29 9.06 12.76
N SER B 147 20.12 9.17 13.38
CA SER B 147 19.79 8.26 14.48
C SER B 147 19.73 6.82 13.98
N TRP B 148 19.27 6.63 12.75
CA TRP B 148 19.33 5.30 12.15
C TRP B 148 20.77 4.95 11.81
N ALA B 149 21.54 5.90 11.28
CA ALA B 149 22.94 5.65 10.96
C ALA B 149 23.76 5.42 12.21
N SER B 150 23.42 6.10 13.32
CA SER B 150 24.15 5.91 14.56
C SER B 150 23.97 4.48 15.09
N GLU B 151 22.73 4.01 15.15
CA GLU B 151 22.49 2.65 15.63
C GLU B 151 23.00 1.62 14.63
N PHE B 152 23.01 1.96 13.34
CA PHE B 152 23.57 1.08 12.32
C PHE B 152 25.05 0.84 12.57
N TYR B 153 25.80 1.91 12.84
CA TYR B 153 27.21 1.77 13.18
C TYR B 153 27.39 1.08 14.53
N ASP B 154 26.48 1.36 15.48
CA ASP B 154 26.56 0.74 16.79
C ASP B 154 26.38 -0.77 16.74
N SER B 155 25.75 -1.29 15.69
CA SER B 155 25.50 -2.72 15.56
C SER B 155 26.60 -3.45 14.78
N CYS B 156 27.50 -2.72 14.12
CA CYS B 156 28.55 -3.34 13.31
C CYS B 156 29.96 -3.02 13.78
N LYS B 157 30.12 -2.10 14.73
CA LYS B 157 31.46 -1.62 15.08
C LYS B 157 32.30 -2.66 15.81
N ASN B 158 31.67 -3.64 16.46
CA ASN B 158 32.39 -4.57 17.32
C ASN B 158 32.42 -5.99 16.78
N ILE B 159 32.07 -6.19 15.51
CA ILE B 159 32.09 -7.52 14.93
C ILE B 159 33.54 -7.94 14.71
N LYS B 160 33.87 -9.15 15.12
CA LYS B 160 35.22 -9.70 14.97
C LYS B 160 35.26 -10.61 13.75
N PHE B 161 36.21 -10.36 12.85
CA PHE B 161 36.42 -11.24 11.71
C PHE B 161 37.21 -12.45 12.19
N SER B 162 36.59 -13.64 12.14
CA SER B 162 37.21 -14.84 12.69
C SER B 162 38.48 -15.24 11.92
N ALA B 163 38.53 -14.96 10.62
CA ALA B 163 39.72 -15.25 9.83
C ALA B 163 40.97 -14.70 10.50
N THR B 164 40.94 -13.42 10.89
CA THR B 164 42.03 -12.77 11.59
C THR B 164 41.63 -12.62 13.06
N ASN B 165 42.30 -11.71 13.76
CA ASN B 165 41.85 -11.28 15.09
C ASN B 165 41.48 -9.80 15.08
N GLY B 166 40.97 -9.32 13.95
CA GLY B 166 40.64 -7.92 13.78
C GLY B 166 39.15 -7.65 13.83
N TYR B 167 38.82 -6.40 13.52
CA TYR B 167 37.46 -5.91 13.52
C TYR B 167 36.91 -5.89 12.09
N ALA B 168 35.65 -6.30 11.95
CA ALA B 168 35.03 -6.25 10.63
C ALA B 168 34.92 -4.82 10.13
N MET B 169 34.84 -3.85 11.05
CA MET B 169 34.79 -2.44 10.67
C MET B 169 36.06 -1.99 9.97
N ASP B 170 37.17 -2.71 10.15
CA ASP B 170 38.41 -2.36 9.46
C ASP B 170 38.36 -2.67 7.97
N LEU B 171 37.38 -3.46 7.51
CA LEU B 171 37.24 -3.81 6.10
C LEU B 171 36.03 -3.13 5.48
N ILE B 172 34.84 -3.35 6.04
CA ILE B 172 33.63 -2.75 5.47
C ILE B 172 33.53 -1.26 5.77
N GLY B 173 34.29 -0.76 6.75
CA GLY B 173 34.22 0.64 7.11
C GLY B 173 35.57 1.32 7.08
N GLY B 174 36.62 0.56 6.77
CA GLY B 174 37.97 1.11 6.74
C GLY B 174 38.45 1.63 8.08
N GLY B 175 37.93 1.08 9.18
CA GLY B 175 38.30 1.57 10.50
C GLY B 175 37.62 2.84 10.92
N ALA B 176 36.35 3.01 10.54
CA ALA B 176 35.61 4.23 10.88
C ALA B 176 35.36 4.30 12.38
N LYS B 177 35.56 5.48 12.95
CA LYS B 177 35.36 5.67 14.38
C LYS B 177 33.99 6.23 14.75
N ASN B 178 33.24 6.78 13.80
CA ASN B 178 31.89 7.21 14.08
C ASN B 178 31.00 6.84 12.89
N TYR B 179 29.70 7.08 13.05
CA TYR B 179 28.76 6.62 12.03
C TYR B 179 28.92 7.38 10.72
N SER B 180 29.30 8.65 10.77
CA SER B 180 29.46 9.43 9.53
C SER B 180 30.64 8.90 8.71
N GLN B 181 31.73 8.51 9.37
CA GLN B 181 32.86 7.94 8.65
C GLN B 181 32.54 6.57 8.08
N PHE B 182 31.62 5.83 8.71
CA PHE B 182 31.21 4.54 8.18
C PHE B 182 30.48 4.69 6.86
N LEU B 183 29.40 5.48 6.85
CA LEU B 183 28.65 5.70 5.62
C LEU B 183 29.49 6.39 4.56
N LYS B 184 30.44 7.22 4.97
CA LYS B 184 31.31 7.87 4.00
C LYS B 184 32.20 6.86 3.29
N PHE B 185 32.68 5.86 4.02
CA PHE B 185 33.47 4.79 3.40
C PHE B 185 32.63 3.96 2.43
N LEU B 186 31.35 3.76 2.75
CA LEU B 186 30.48 2.99 1.86
C LEU B 186 30.04 3.80 0.66
N GLY B 187 29.91 5.11 0.80
CA GLY B 187 29.38 5.95 -0.27
C GLY B 187 30.41 6.53 -1.20
N ASP B 188 31.65 6.67 -0.74
CA ASP B 188 32.70 7.24 -1.59
C ASP B 188 32.95 6.37 -2.80
N ALA B 189 33.15 7.00 -3.95
CA ALA B 189 33.29 6.30 -5.21
C ALA B 189 34.60 5.52 -5.24
N LYS B 190 34.51 4.19 -5.13
CA LYS B 190 35.66 3.30 -5.25
C LYS B 190 35.30 2.17 -6.20
N PRO B 191 35.15 2.47 -7.49
CA PRO B 191 34.75 1.41 -8.43
C PRO B 191 35.84 0.37 -8.63
N MET B 192 37.10 0.79 -8.65
CA MET B 192 38.20 -0.16 -8.83
C MET B 192 38.42 -1.03 -7.61
N LEU B 193 37.92 -0.61 -6.44
CA LEU B 193 38.11 -1.35 -5.21
C LEU B 193 36.85 -2.11 -4.79
N GLY B 194 35.95 -2.38 -5.73
CA GLY B 194 34.74 -3.11 -5.42
C GLY B 194 33.72 -2.34 -4.62
N GLY B 195 33.81 -1.03 -4.59
CA GLY B 195 32.87 -0.18 -3.86
C GLY B 195 31.82 0.42 -4.76
N SER B 196 31.46 1.66 -4.47
CA SER B 196 30.41 2.32 -5.24
C SER B 196 30.96 2.81 -6.57
N PRO B 197 30.28 2.54 -7.69
CA PRO B 197 30.78 3.02 -8.98
C PRO B 197 30.70 4.53 -9.14
N PHE B 198 29.89 5.20 -8.33
CA PHE B 198 29.76 6.65 -8.40
C PHE B 198 29.75 7.19 -6.98
N GLN B 199 29.87 8.51 -6.87
CA GLN B 199 29.96 9.15 -5.56
C GLN B 199 28.59 9.18 -4.89
N ILE B 200 28.53 8.67 -3.67
CA ILE B 200 27.31 8.69 -2.86
C ILE B 200 27.62 9.45 -1.57
N ASN B 201 26.97 10.60 -1.39
CA ASN B 201 27.14 11.42 -0.20
C ASN B 201 25.92 11.26 0.70
N TYR B 202 26.17 10.97 1.97
CA TYR B 202 25.10 10.85 2.96
C TYR B 202 24.97 12.18 3.70
N LYS B 203 23.80 12.80 3.59
CA LYS B 203 23.55 14.09 4.19
C LYS B 203 22.66 13.91 5.43
N TYR B 204 22.98 14.65 6.49
CA TYR B 204 22.25 14.58 7.74
C TYR B 204 21.58 15.89 8.11
N ASP B 205 21.62 16.89 7.22
CA ASP B 205 21.14 18.23 7.51
C ASP B 205 19.95 18.60 6.61
N LEU B 206 19.09 17.64 6.33
CA LEU B 206 17.90 17.92 5.52
C LEU B 206 16.94 18.80 6.32
N ALA B 207 16.61 19.96 5.76
CA ALA B 207 15.77 20.93 6.45
C ALA B 207 14.36 20.38 6.65
N ASN B 208 13.74 20.78 7.77
CA ASN B 208 12.38 20.34 8.06
C ASN B 208 11.37 21.02 7.14
N GLU B 209 11.69 22.21 6.63
CA GLU B 209 10.80 22.89 5.69
C GLU B 209 10.69 22.13 4.37
N GLU B 210 11.67 21.31 4.04
CA GLU B 210 11.64 20.53 2.80
C GLU B 210 10.66 19.38 2.95
N LYS B 211 9.45 19.57 2.41
CA LYS B 211 8.42 18.53 2.47
C LYS B 211 8.46 17.60 1.28
N GLU B 212 9.05 18.03 0.15
CA GLU B 212 9.20 17.18 -1.01
C GLU B 212 10.36 16.19 -0.88
N TRP B 213 11.23 16.36 0.10
CA TRP B 213 12.29 15.41 0.39
C TRP B 213 12.05 14.81 1.77
N GLN B 214 12.70 13.68 2.02
CA GLN B 214 12.63 13.03 3.32
C GLN B 214 13.93 12.27 3.55
N GLU B 215 14.23 12.04 4.83
CA GLU B 215 15.43 11.32 5.21
C GLU B 215 15.15 9.83 5.27
N PHE B 216 16.13 9.02 4.86
CA PHE B 216 15.98 7.58 4.99
C PHE B 216 15.86 7.19 6.46
N ASN B 217 14.80 6.45 6.79
CA ASN B 217 14.57 6.02 8.16
C ASN B 217 13.69 4.78 8.12
N ASP B 218 14.25 3.65 8.52
CA ASP B 218 13.53 2.39 8.60
C ASP B 218 13.67 1.84 10.01
N GLU B 219 13.16 0.64 10.24
CA GLU B 219 13.38 -0.02 11.52
C GLU B 219 14.84 -0.43 11.61
N VAL B 220 15.48 -0.15 12.74
CA VAL B 220 16.89 -0.47 12.97
C VAL B 220 16.97 -1.49 14.09
N TYR B 221 17.93 -2.42 13.96
CA TYR B 221 18.08 -3.51 14.91
C TYR B 221 19.41 -3.38 15.62
N ALA B 222 19.37 -3.35 16.95
CA ALA B 222 20.57 -3.39 17.76
C ALA B 222 21.07 -4.83 17.87
N CYS B 223 22.35 -4.97 18.19
CA CYS B 223 22.95 -6.31 18.22
C CYS B 223 22.48 -7.15 19.41
N ASP B 224 21.76 -6.56 20.37
CA ASP B 224 21.16 -7.29 21.48
C ASP B 224 19.65 -7.46 21.31
N ASP B 225 19.13 -7.19 20.13
CA ASP B 225 17.74 -7.41 19.83
C ASP B 225 17.39 -8.89 19.95
N ALA B 226 16.15 -9.16 20.38
CA ALA B 226 15.73 -10.54 20.61
C ALA B 226 15.69 -11.31 19.30
N GLN B 227 15.17 -10.69 18.23
CA GLN B 227 15.03 -11.38 16.95
C GLN B 227 16.36 -11.55 16.25
N TYR B 228 17.30 -10.62 16.43
CA TYR B 228 18.58 -10.65 15.75
C TYR B 228 19.74 -10.46 16.73
N LYS B 229 19.77 -11.26 17.79
CA LYS B 229 20.82 -11.11 18.78
C LYS B 229 22.15 -11.67 18.27
N CYS B 230 23.22 -10.92 18.51
CA CYS B 230 24.56 -11.33 18.17
C CYS B 230 25.30 -11.75 19.42
N ALA B 231 26.36 -12.54 19.23
CA ALA B 231 27.12 -13.05 20.36
C ALA B 231 27.79 -11.91 21.14
N CYS B 232 28.05 -12.18 22.42
CA CYS B 232 28.74 -11.20 23.25
C CYS B 232 30.12 -10.85 22.68
N SER B 233 30.74 -11.80 21.99
CA SER B 233 32.05 -11.53 21.38
C SER B 233 31.96 -10.42 20.34
N ASP B 234 30.82 -10.27 19.68
CA ASP B 234 30.62 -9.22 18.69
C ASP B 234 29.73 -8.08 19.17
N CYS B 235 29.01 -8.27 20.28
CA CYS B 235 28.04 -7.29 20.75
C CYS B 235 28.28 -6.99 22.22
N GLN B 236 28.38 -5.70 22.54
CA GLN B 236 28.60 -5.30 23.93
C GLN B 236 27.35 -5.50 24.77
N GLU B 237 26.19 -5.06 24.25
CA GLU B 237 24.95 -5.15 25.00
C GLU B 237 24.46 -6.58 25.20
N SER B 238 25.00 -7.54 24.46
CA SER B 238 24.60 -8.94 24.59
C SER B 238 25.35 -9.68 25.68
N CYS B 239 26.30 -9.03 26.35
CA CYS B 239 27.09 -9.65 27.41
C CYS B 239 26.36 -9.53 28.74
N PRO B 240 26.52 -10.50 29.64
CA PRO B 240 25.96 -10.35 30.99
C PRO B 240 26.73 -9.32 31.78
N HIS B 241 26.06 -8.77 32.80
CA HIS B 241 26.64 -7.72 33.63
C HIS B 241 27.84 -8.24 34.43
N THR C 20 -2.71 -8.70 4.35
CA THR C 20 -2.86 -7.50 3.55
C THR C 20 -4.34 -7.21 3.37
N ALA C 21 -4.92 -7.76 2.32
CA ALA C 21 -6.33 -7.58 2.03
C ALA C 21 -7.09 -8.71 2.72
N THR C 22 -7.99 -8.34 3.63
CA THR C 22 -8.77 -9.32 4.37
C THR C 22 -10.24 -9.09 4.10
N CYS C 23 -10.93 -10.15 3.67
CA CYS C 23 -12.32 -10.04 3.25
C CYS C 23 -13.22 -10.90 4.12
N ALA C 24 -14.46 -10.44 4.28
CA ALA C 24 -15.52 -11.27 4.83
C ALA C 24 -16.17 -12.11 3.76
N MET C 25 -16.19 -11.62 2.52
CA MET C 25 -16.80 -12.32 1.40
C MET C 25 -16.10 -11.89 0.12
N TYR C 26 -16.15 -12.75 -0.89
CA TYR C 26 -15.54 -12.46 -2.18
C TYR C 26 -16.26 -13.21 -3.28
N GLY C 27 -16.61 -12.52 -4.36
CA GLY C 27 -17.30 -13.14 -5.46
C GLY C 27 -18.71 -13.54 -5.08
N ASN C 28 -19.33 -14.34 -5.97
CA ASN C 28 -20.69 -14.80 -5.78
C ASN C 28 -20.76 -16.31 -5.98
N CYS C 29 -21.64 -16.95 -5.22
CA CYS C 29 -21.79 -18.39 -5.17
C CYS C 29 -23.19 -18.84 -5.56
N GLY C 30 -23.79 -18.16 -6.55
CA GLY C 30 -25.09 -18.54 -7.06
C GLY C 30 -26.22 -17.76 -6.43
N LYS C 31 -27.42 -18.05 -6.92
CA LYS C 31 -28.66 -17.39 -6.50
C LYS C 31 -29.43 -18.28 -5.54
N LYS C 32 -30.31 -17.66 -4.76
CA LYS C 32 -31.22 -18.40 -3.89
C LYS C 32 -32.62 -18.57 -4.48
N SER C 33 -32.96 -17.81 -5.52
CA SER C 33 -34.25 -17.94 -6.19
C SER C 33 -34.06 -17.63 -7.67
N VAL C 34 -35.02 -18.10 -8.47
CA VAL C 34 -34.95 -17.88 -9.91
C VAL C 34 -35.11 -16.40 -10.23
N PHE C 35 -34.46 -15.98 -11.32
CA PHE C 35 -34.50 -14.61 -11.83
C PHE C 35 -33.86 -13.62 -10.86
N GLY C 36 -33.63 -14.04 -9.63
CA GLY C 36 -32.97 -13.21 -8.64
C GLY C 36 -31.51 -13.00 -9.00
N ASN C 37 -30.79 -12.39 -8.06
CA ASN C 37 -29.38 -12.11 -8.26
C ASN C 37 -28.52 -13.06 -7.44
N GLU C 38 -27.28 -13.22 -7.90
CA GLU C 38 -26.32 -14.05 -7.19
C GLU C 38 -25.89 -13.37 -5.88
N LEU C 39 -25.51 -14.20 -4.90
CA LEU C 39 -25.14 -13.71 -3.57
C LEU C 39 -23.70 -14.06 -3.24
N PRO C 40 -23.05 -13.28 -2.38
CA PRO C 40 -21.60 -13.43 -2.17
C PRO C 40 -21.22 -14.71 -1.43
N CYS C 41 -19.96 -15.15 -1.66
CA CYS C 41 -19.35 -16.30 -1.00
C CYS C 41 -18.61 -15.86 0.26
N PRO C 42 -18.90 -16.45 1.41
CA PRO C 42 -18.05 -16.20 2.59
C PRO C 42 -16.65 -16.76 2.37
N VAL C 43 -15.65 -15.98 2.77
CA VAL C 43 -14.25 -16.42 2.65
C VAL C 43 -13.61 -16.40 4.03
N PRO C 44 -12.63 -17.25 4.29
CA PRO C 44 -11.96 -17.24 5.61
C PRO C 44 -11.16 -15.97 5.81
N ARG C 45 -10.77 -15.75 7.07
CA ARG C 45 -10.01 -14.56 7.41
C ARG C 45 -8.65 -14.57 6.74
N SER C 46 -8.07 -15.76 6.53
CA SER C 46 -6.78 -15.93 5.88
C SER C 46 -6.85 -15.82 4.36
N PHE C 47 -8.03 -15.65 3.78
CA PHE C 47 -8.15 -15.55 2.32
C PHE C 47 -7.63 -14.20 1.84
N GLU C 48 -6.79 -14.24 0.80
CA GLU C 48 -6.32 -13.03 0.16
C GLU C 48 -6.84 -12.96 -1.26
N PRO C 49 -7.51 -11.88 -1.64
CA PRO C 49 -8.07 -11.77 -2.99
C PRO C 49 -6.97 -11.58 -4.03
N PRO C 50 -7.25 -11.85 -5.29
CA PRO C 50 -6.25 -11.64 -6.35
C PRO C 50 -6.15 -10.15 -6.69
N VAL C 51 -5.21 -9.85 -7.60
CA VAL C 51 -5.02 -8.49 -8.05
C VAL C 51 -6.22 -8.06 -8.90
N LEU C 52 -6.63 -6.82 -8.75
CA LEU C 52 -7.71 -6.29 -9.57
C LEU C 52 -7.29 -6.25 -11.03
N SER C 53 -8.20 -6.65 -11.91
CA SER C 53 -7.96 -6.52 -13.33
C SER C 53 -8.03 -5.05 -13.74
N ASP C 54 -7.44 -4.74 -14.89
CA ASP C 54 -7.52 -3.37 -15.39
C ASP C 54 -8.97 -2.96 -15.62
N GLU C 55 -9.80 -3.90 -16.09
CA GLU C 55 -11.20 -3.58 -16.33
C GLU C 55 -11.94 -3.31 -15.03
N THR C 56 -11.68 -4.12 -13.99
CA THR C 56 -12.36 -3.92 -12.71
C THR C 56 -11.85 -2.66 -12.01
N SER C 57 -10.55 -2.39 -12.10
CA SER C 57 -9.99 -1.21 -11.45
C SER C 57 -10.53 0.07 -12.08
N LYS C 58 -10.56 0.13 -13.41
CA LYS C 58 -11.10 1.32 -14.08
C LYS C 58 -12.58 1.49 -13.75
N LEU C 59 -13.33 0.40 -13.71
CA LEU C 59 -14.74 0.48 -13.36
C LEU C 59 -14.94 0.86 -11.90
N LEU C 60 -14.04 0.38 -11.03
CA LEU C 60 -14.15 0.74 -9.61
C LEU C 60 -13.92 2.23 -9.41
N VAL C 61 -13.06 2.85 -10.23
CA VAL C 61 -12.84 4.28 -10.13
C VAL C 61 -14.07 5.04 -10.63
N GLU C 62 -14.71 4.54 -11.68
CA GLU C 62 -15.89 5.22 -12.22
C GLU C 62 -17.04 5.22 -11.21
N VAL C 63 -17.16 4.18 -10.40
CA VAL C 63 -18.31 4.05 -9.51
C VAL C 63 -17.99 4.61 -8.13
N CYS C 64 -16.75 4.46 -7.65
CA CYS C 64 -16.41 4.81 -6.28
C CYS C 64 -15.47 6.01 -6.17
N GLY C 65 -14.99 6.54 -7.28
CA GLY C 65 -14.22 7.77 -7.26
C GLY C 65 -12.72 7.53 -7.31
N GLU C 66 -11.98 8.64 -7.39
CA GLU C 66 -10.53 8.60 -7.52
C GLU C 66 -9.84 8.09 -6.27
N GLU C 67 -10.58 7.87 -5.18
CA GLU C 67 -9.98 7.31 -3.98
C GLU C 67 -9.49 5.87 -4.20
N TRP C 68 -9.96 5.22 -5.26
CA TRP C 68 -9.66 3.82 -5.54
C TRP C 68 -8.73 3.65 -6.73
N LYS C 69 -8.08 4.72 -7.19
CA LYS C 69 -7.21 4.61 -8.37
C LYS C 69 -6.03 3.69 -8.10
N GLU C 70 -5.41 3.81 -6.93
CA GLU C 70 -4.23 3.04 -6.58
C GLU C 70 -4.54 1.74 -5.84
N VAL C 71 -5.81 1.38 -5.72
CA VAL C 71 -6.16 0.12 -5.06
C VAL C 71 -5.93 -1.02 -6.05
N ARG C 72 -5.09 -1.98 -5.66
CA ARG C 72 -4.79 -3.13 -6.48
C ARG C 72 -5.42 -4.42 -5.96
N TYR C 73 -5.58 -4.55 -4.66
CA TYR C 73 -6.24 -5.70 -4.04
C TYR C 73 -7.54 -5.22 -3.39
N ALA C 74 -8.67 -5.76 -3.85
CA ALA C 74 -9.97 -5.38 -3.33
C ALA C 74 -10.76 -6.64 -2.99
N CYS C 75 -11.74 -6.48 -2.10
CA CYS C 75 -12.60 -7.59 -1.68
C CYS C 75 -13.82 -7.75 -2.56
N CYS C 76 -13.75 -7.37 -3.84
CA CYS C 76 -14.90 -7.45 -4.72
C CYS C 76 -14.45 -7.82 -6.13
N THR C 77 -15.34 -8.49 -6.85
CA THR C 77 -15.14 -8.89 -8.22
C THR C 77 -15.77 -7.87 -9.16
N LYS C 78 -15.62 -8.11 -10.47
CA LYS C 78 -16.24 -7.23 -11.45
C LYS C 78 -17.76 -7.28 -11.35
N ASP C 79 -18.32 -8.48 -11.16
CA ASP C 79 -19.77 -8.61 -11.04
C ASP C 79 -20.29 -7.88 -9.80
N GLN C 80 -19.53 -7.88 -8.71
CA GLN C 80 -19.96 -7.16 -7.52
C GLN C 80 -19.93 -5.65 -7.73
N VAL C 81 -18.97 -5.16 -8.52
CA VAL C 81 -18.90 -3.73 -8.77
C VAL C 81 -20.06 -3.27 -9.67
N VAL C 82 -20.42 -4.07 -10.67
CA VAL C 82 -21.54 -3.67 -11.53
C VAL C 82 -22.85 -3.70 -10.74
N ALA C 83 -23.02 -4.71 -9.88
CA ALA C 83 -24.21 -4.74 -9.03
C ALA C 83 -24.22 -3.54 -8.09
N LEU C 84 -23.05 -3.17 -7.57
CA LEU C 84 -22.94 -1.95 -6.78
C LEU C 84 -23.25 -0.72 -7.63
N ARG C 85 -22.83 -0.74 -8.90
CA ARG C 85 -23.09 0.39 -9.78
C ARG C 85 -24.58 0.53 -10.08
N ASP C 86 -25.26 -0.59 -10.35
CA ASP C 86 -26.67 -0.54 -10.72
C ASP C 86 -27.52 -0.01 -9.57
N ASN C 87 -27.16 -0.36 -8.33
CA ASN C 87 -27.95 0.08 -7.19
C ASN C 87 -27.60 1.50 -6.76
N LEU C 88 -26.34 1.90 -6.91
CA LEU C 88 -25.99 3.28 -6.63
C LEU C 88 -26.62 4.24 -7.63
N GLN C 89 -26.75 3.81 -8.90
CA GLN C 89 -27.35 4.66 -9.91
C GLN C 89 -28.85 4.86 -9.70
N LYS C 90 -29.51 3.96 -8.97
CA LYS C 90 -30.92 4.15 -8.68
C LYS C 90 -31.14 5.17 -7.58
N ALA C 91 -30.23 5.24 -6.61
CA ALA C 91 -30.34 6.19 -5.51
C ALA C 91 -29.58 7.48 -5.77
N GLN C 92 -28.70 7.51 -6.78
CA GLN C 92 -27.94 8.72 -7.06
C GLN C 92 -28.81 9.93 -7.37
N PRO C 93 -29.82 9.86 -8.24
CA PRO C 93 -30.60 11.07 -8.55
C PRO C 93 -31.37 11.61 -7.36
N LEU C 94 -31.55 10.83 -6.30
CA LEU C 94 -32.29 11.30 -5.14
C LEU C 94 -31.45 12.18 -4.23
N ILE C 95 -30.13 12.10 -4.30
CA ILE C 95 -29.26 12.83 -3.38
C ILE C 95 -28.15 13.54 -4.13
N SER C 96 -28.25 13.58 -5.47
CA SER C 96 -27.19 14.17 -6.27
C SER C 96 -27.05 15.67 -6.03
N SER C 97 -28.11 16.34 -5.58
CA SER C 97 -28.02 17.78 -5.36
C SER C 97 -27.10 18.13 -4.19
N CYS C 98 -26.89 17.20 -3.25
CA CYS C 98 -26.03 17.43 -2.10
C CYS C 98 -24.77 16.56 -2.22
N PRO C 99 -23.64 17.13 -2.65
CA PRO C 99 -22.43 16.30 -2.83
C PRO C 99 -21.94 15.64 -1.56
N ALA C 100 -22.09 16.29 -0.40
CA ALA C 100 -21.60 15.72 0.85
C ALA C 100 -22.33 14.43 1.19
N CYS C 101 -23.66 14.41 1.00
CA CYS C 101 -24.41 13.19 1.24
C CYS C 101 -24.08 12.12 0.22
N LEU C 102 -24.02 12.50 -1.06
CA LEU C 102 -23.68 11.53 -2.11
C LEU C 102 -22.30 10.94 -1.88
N LYS C 103 -21.33 11.77 -1.50
CA LYS C 103 -20.00 11.26 -1.21
C LYS C 103 -20.02 10.30 -0.03
N ASN C 104 -20.71 10.68 1.05
CA ASN C 104 -20.81 9.79 2.20
C ASN C 104 -21.61 8.54 1.86
N PHE C 105 -22.64 8.68 1.03
CA PHE C 105 -23.46 7.53 0.66
C PHE C 105 -22.65 6.50 -0.11
N ASN C 106 -21.99 6.94 -1.20
CA ASN C 106 -21.20 6.00 -2.00
C ASN C 106 -20.02 5.45 -1.21
N ASN C 107 -19.40 6.29 -0.38
CA ASN C 107 -18.24 5.84 0.37
C ASN C 107 -18.59 4.70 1.32
N LEU C 108 -19.81 4.68 1.84
CA LEU C 108 -20.21 3.59 2.73
C LEU C 108 -20.30 2.27 1.97
N PHE C 109 -21.08 2.24 0.88
CA PHE C 109 -21.28 1.00 0.17
C PHE C 109 -20.06 0.58 -0.66
N CYS C 110 -19.20 1.52 -1.01
CA CYS C 110 -17.99 1.16 -1.73
C CYS C 110 -17.00 0.45 -0.81
N HIS C 111 -16.78 0.98 0.39
CA HIS C 111 -15.93 0.30 1.35
C HIS C 111 -16.57 -1.00 1.80
N PHE C 112 -17.89 -1.02 1.94
CA PHE C 112 -18.57 -2.26 2.34
C PHE C 112 -18.37 -3.36 1.30
N THR C 113 -18.29 -3.00 0.02
CA THR C 113 -18.20 -3.97 -1.05
C THR C 113 -16.77 -4.31 -1.43
N CYS C 114 -15.87 -3.33 -1.41
CA CYS C 114 -14.56 -3.51 -2.05
C CYS C 114 -13.35 -3.20 -1.17
N ALA C 115 -13.53 -2.67 0.04
CA ALA C 115 -12.37 -2.28 0.84
C ALA C 115 -11.53 -3.50 1.23
N ALA C 116 -10.21 -3.32 1.26
CA ALA C 116 -9.30 -4.42 1.59
C ALA C 116 -9.36 -4.80 3.06
N ASP C 117 -9.96 -3.98 3.92
CA ASP C 117 -10.15 -4.31 5.32
C ASP C 117 -11.59 -4.72 5.62
N GLN C 118 -12.32 -5.18 4.60
CA GLN C 118 -13.72 -5.54 4.79
C GLN C 118 -13.88 -6.61 5.86
N GLY C 119 -12.97 -7.59 5.88
CA GLY C 119 -13.06 -8.68 6.84
C GLY C 119 -12.91 -8.26 8.28
N ARG C 120 -12.53 -7.01 8.55
CA ARG C 120 -12.35 -6.54 9.91
C ARG C 120 -13.53 -5.73 10.44
N PHE C 121 -14.46 -5.29 9.57
CA PHE C 121 -15.66 -4.61 10.05
C PHE C 121 -16.94 -5.24 9.49
N VAL C 122 -16.85 -6.39 8.83
CA VAL C 122 -18.01 -7.13 8.36
C VAL C 122 -17.91 -8.55 8.90
N ASN C 123 -18.91 -8.98 9.67
CA ASN C 123 -18.91 -10.28 10.31
C ASN C 123 -20.11 -11.06 9.80
N ILE C 124 -19.85 -12.14 9.05
CA ILE C 124 -20.91 -12.99 8.55
C ILE C 124 -21.50 -13.77 9.72
N THR C 125 -22.83 -13.73 9.85
CA THR C 125 -23.50 -14.39 10.96
C THR C 125 -24.44 -15.51 10.55
N LYS C 126 -24.88 -15.56 9.29
CA LYS C 126 -25.79 -16.60 8.84
C LYS C 126 -25.60 -16.80 7.35
N VAL C 127 -25.59 -18.06 6.92
CA VAL C 127 -25.43 -18.41 5.51
C VAL C 127 -26.51 -19.39 5.11
N GLU C 128 -26.69 -19.53 3.79
CA GLU C 128 -27.62 -20.48 3.23
C GLU C 128 -26.98 -21.15 2.03
N LYS C 129 -27.63 -22.21 1.55
CA LYS C 129 -27.17 -22.91 0.36
C LYS C 129 -27.87 -22.34 -0.86
N SER C 130 -27.11 -22.16 -1.94
CA SER C 130 -27.66 -21.61 -3.18
C SER C 130 -28.09 -22.75 -4.11
N LYS C 131 -28.70 -22.38 -5.24
CA LYS C 131 -29.08 -23.39 -6.23
C LYS C 131 -27.87 -24.14 -6.75
N GLU C 132 -26.70 -23.51 -6.78
CA GLU C 132 -25.46 -24.17 -7.16
C GLU C 132 -24.85 -24.98 -6.01
N ASP C 133 -25.59 -25.16 -4.91
CA ASP C 133 -25.16 -25.97 -3.77
C ASP C 133 -23.88 -25.42 -3.14
N LYS C 134 -23.82 -24.11 -2.97
CA LYS C 134 -22.70 -23.45 -2.32
C LYS C 134 -23.22 -22.49 -1.27
N ASP C 135 -22.36 -22.16 -0.31
CA ASP C 135 -22.76 -21.27 0.78
C ASP C 135 -22.81 -19.83 0.29
N ILE C 136 -23.94 -19.16 0.55
CA ILE C 136 -24.12 -17.76 0.22
C ILE C 136 -24.52 -17.00 1.49
N VAL C 137 -24.21 -15.71 1.50
CA VAL C 137 -24.49 -14.88 2.67
C VAL C 137 -25.98 -14.73 2.85
N ALA C 138 -26.46 -14.93 4.08
CA ALA C 138 -27.84 -14.69 4.44
C ALA C 138 -28.02 -13.54 5.42
N GLU C 139 -27.07 -13.33 6.33
CA GLU C 139 -27.15 -12.23 7.29
C GLU C 139 -25.74 -11.94 7.80
N LEU C 140 -25.42 -10.65 7.91
CA LEU C 140 -24.11 -10.24 8.40
C LEU C 140 -24.25 -9.00 9.26
N ASP C 141 -23.19 -8.74 10.05
CA ASP C 141 -23.11 -7.57 10.90
C ASP C 141 -22.02 -6.64 10.39
N VAL C 142 -22.27 -5.34 10.51
CA VAL C 142 -21.32 -4.29 10.12
C VAL C 142 -21.10 -3.41 11.34
N PHE C 143 -19.87 -3.42 11.86
CA PHE C 143 -19.52 -2.60 13.00
C PHE C 143 -19.35 -1.13 12.58
N MET C 144 -20.17 -0.25 13.15
CA MET C 144 -20.26 1.14 12.75
C MET C 144 -19.77 2.03 13.90
N ASN C 145 -19.09 3.12 13.55
CA ASN C 145 -18.50 4.05 14.52
C ASN C 145 -19.51 4.99 15.20
N SER C 146 -20.74 5.09 14.70
CA SER C 146 -21.79 5.95 15.26
C SER C 146 -21.52 7.44 15.02
N SER C 147 -20.32 7.92 15.37
CA SER C 147 -19.99 9.31 15.06
C SER C 147 -19.94 9.52 13.56
N TRP C 148 -19.49 8.52 12.81
CA TRP C 148 -19.55 8.58 11.36
C TRP C 148 -20.99 8.47 10.88
N ALA C 149 -21.77 7.56 11.50
CA ALA C 149 -23.16 7.39 11.11
C ALA C 149 -23.98 8.63 11.44
N SER C 150 -23.62 9.36 12.50
CA SER C 150 -24.36 10.57 12.85
C SER C 150 -24.21 11.65 11.78
N GLU C 151 -22.97 11.92 11.36
CA GLU C 151 -22.78 12.94 10.33
C GLU C 151 -23.32 12.49 8.98
N PHE C 152 -23.31 11.19 8.71
CA PHE C 152 -23.88 10.69 7.46
C PHE C 152 -25.38 10.99 7.41
N TYR C 153 -26.10 10.73 8.50
CA TYR C 153 -27.50 11.08 8.57
C TYR C 153 -27.69 12.60 8.62
N ASP C 154 -26.78 13.29 9.32
CA ASP C 154 -26.87 14.74 9.41
C ASP C 154 -26.68 15.41 8.07
N SER C 155 -26.03 14.74 7.12
CA SER C 155 -25.77 15.29 5.80
C SER C 155 -26.86 14.95 4.78
N CYS C 156 -27.76 14.01 5.10
CA CYS C 156 -28.80 13.59 4.17
C CYS C 156 -30.22 13.84 4.67
N LYS C 157 -30.39 14.23 5.93
CA LYS C 157 -31.73 14.29 6.52
C LYS C 157 -32.58 15.41 5.95
N ASN C 158 -31.96 16.46 5.41
CA ASN C 158 -32.70 17.65 4.98
C ASN C 158 -32.66 17.87 3.47
N ILE C 159 -32.24 16.86 2.70
CA ILE C 159 -32.17 17.00 1.25
C ILE C 159 -33.58 16.97 0.67
N LYS C 160 -33.85 17.90 -0.24
CA LYS C 160 -35.14 17.98 -0.93
C LYS C 160 -35.02 17.32 -2.30
N PHE C 161 -35.93 16.39 -2.57
CA PHE C 161 -36.04 15.78 -3.89
C PHE C 161 -36.76 16.75 -4.81
N SER C 162 -36.10 17.17 -5.89
CA SER C 162 -36.66 18.19 -6.76
C SER C 162 -37.99 17.76 -7.38
N ALA C 163 -38.28 16.46 -7.37
CA ALA C 163 -39.58 15.96 -7.80
C ALA C 163 -40.52 15.98 -6.61
N THR C 164 -41.60 16.75 -6.71
CA THR C 164 -42.61 16.87 -5.66
C THR C 164 -42.06 17.48 -4.37
N ASN C 165 -41.02 18.31 -4.51
CA ASN C 165 -40.45 19.16 -3.45
C ASN C 165 -40.52 18.56 -2.05
N GLY C 166 -40.35 17.24 -1.94
CA GLY C 166 -40.43 16.54 -0.67
C GLY C 166 -39.05 16.22 -0.12
N TYR C 167 -39.04 15.37 0.91
CA TYR C 167 -37.79 15.00 1.56
C TYR C 167 -37.25 13.72 0.94
N ALA C 168 -35.95 13.75 0.60
CA ALA C 168 -35.30 12.56 0.04
C ALA C 168 -35.17 11.44 1.06
N MET C 169 -35.11 11.79 2.35
CA MET C 169 -35.01 10.78 3.39
C MET C 169 -36.24 9.89 3.45
N ASP C 170 -37.37 10.34 2.88
CA ASP C 170 -38.56 9.50 2.80
C ASP C 170 -38.42 8.36 1.80
N LEU C 171 -37.41 8.40 0.93
CA LEU C 171 -37.19 7.36 -0.07
C LEU C 171 -35.96 6.53 0.25
N ILE C 172 -34.78 7.16 0.38
CA ILE C 172 -33.56 6.42 0.67
C ILE C 172 -33.51 5.97 2.12
N GLY C 173 -34.32 6.57 2.99
CA GLY C 173 -34.27 6.22 4.39
C GLY C 173 -35.62 5.80 4.95
N GLY C 174 -36.65 5.81 4.10
CA GLY C 174 -37.99 5.47 4.57
C GLY C 174 -38.52 6.39 5.64
N GLY C 175 -38.08 7.64 5.65
CA GLY C 175 -38.49 8.57 6.69
C GLY C 175 -37.78 8.38 8.01
N ALA C 176 -36.49 8.05 7.98
CA ALA C 176 -35.75 7.79 9.20
C ALA C 176 -35.59 9.07 10.01
N LYS C 177 -35.80 8.97 11.32
CA LYS C 177 -35.70 10.11 12.21
C LYS C 177 -34.36 10.22 12.91
N ASN C 178 -33.57 9.14 12.95
CA ASN C 178 -32.22 9.20 13.48
C ASN C 178 -31.30 8.32 12.63
N TYR C 179 -30.01 8.36 12.94
CA TYR C 179 -29.04 7.67 12.09
C TYR C 179 -29.19 6.15 12.17
N SER C 180 -29.55 5.62 13.34
CA SER C 180 -29.68 4.17 13.46
C SER C 180 -30.85 3.65 12.62
N GLN C 181 -31.95 4.41 12.57
CA GLN C 181 -33.07 4.01 11.72
C GLN C 181 -32.75 4.17 10.24
N PHE C 182 -31.85 5.10 9.90
CA PHE C 182 -31.44 5.26 8.52
C PHE C 182 -30.68 4.04 8.03
N LEU C 183 -29.61 3.66 8.74
CA LEU C 183 -28.83 2.50 8.35
C LEU C 183 -29.66 1.23 8.41
N LYS C 184 -30.63 1.16 9.32
CA LYS C 184 -31.49 -0.01 9.38
C LYS C 184 -32.35 -0.12 8.13
N PHE C 185 -32.83 1.00 7.62
CA PHE C 185 -33.59 0.96 6.37
C PHE C 185 -32.72 0.52 5.21
N LEU C 186 -31.44 0.90 5.22
CA LEU C 186 -30.54 0.51 4.15
C LEU C 186 -30.09 -0.94 4.26
N GLY C 187 -30.01 -1.48 5.49
CA GLY C 187 -29.48 -2.81 5.70
C GLY C 187 -30.51 -3.92 5.72
N ASP C 188 -31.76 -3.58 6.01
CA ASP C 188 -32.81 -4.61 6.07
C ASP C 188 -33.02 -5.25 4.70
N ALA C 189 -33.24 -6.57 4.72
CA ALA C 189 -33.35 -7.34 3.48
C ALA C 189 -34.63 -6.98 2.75
N LYS C 190 -34.50 -6.28 1.63
CA LYS C 190 -35.61 -5.92 0.76
C LYS C 190 -35.23 -6.24 -0.68
N PRO C 191 -35.13 -7.53 -1.02
CA PRO C 191 -34.69 -7.88 -2.38
C PRO C 191 -35.71 -7.55 -3.46
N MET C 192 -37.00 -7.73 -3.17
CA MET C 192 -38.03 -7.43 -4.18
C MET C 192 -38.20 -5.93 -4.39
N LEU C 193 -37.77 -5.10 -3.45
CA LEU C 193 -37.93 -3.66 -3.52
C LEU C 193 -36.66 -2.93 -3.93
N GLY C 194 -35.72 -3.65 -4.56
CA GLY C 194 -34.48 -3.03 -4.99
C GLY C 194 -33.53 -2.68 -3.87
N GLY C 195 -33.69 -3.28 -2.70
CA GLY C 195 -32.83 -3.04 -1.57
C GLY C 195 -31.77 -4.11 -1.39
N SER C 196 -31.47 -4.43 -0.15
CA SER C 196 -30.43 -5.42 0.14
C SER C 196 -30.96 -6.83 -0.09
N PRO C 197 -30.23 -7.67 -0.82
CA PRO C 197 -30.68 -9.06 -1.02
C PRO C 197 -30.63 -9.91 0.24
N PHE C 198 -29.86 -9.50 1.25
CA PHE C 198 -29.75 -10.24 2.50
C PHE C 198 -29.77 -9.24 3.65
N GLN C 199 -29.95 -9.78 4.86
CA GLN C 199 -30.06 -8.94 6.04
C GLN C 199 -28.69 -8.39 6.44
N ILE C 200 -28.60 -7.07 6.56
CA ILE C 200 -27.39 -6.38 6.97
C ILE C 200 -27.70 -5.61 8.25
N ASN C 201 -27.06 -5.99 9.34
CA ASN C 201 -27.22 -5.33 10.62
C ASN C 201 -26.01 -4.46 10.91
N TYR C 202 -26.26 -3.21 11.29
CA TYR C 202 -25.22 -2.27 11.68
C TYR C 202 -25.13 -2.27 13.20
N LYS C 203 -23.97 -2.63 13.73
CA LYS C 203 -23.75 -2.71 15.16
C LYS C 203 -22.93 -1.54 15.65
N TYR C 204 -23.30 -0.99 16.81
CA TYR C 204 -22.61 0.15 17.40
C TYR C 204 -22.00 -0.18 18.75
N ASP C 205 -22.03 -1.43 19.17
CA ASP C 205 -21.58 -1.82 20.51
C ASP C 205 -20.37 -2.75 20.43
N LEU C 206 -19.48 -2.51 19.47
CA LEU C 206 -18.26 -3.31 19.36
C LEU C 206 -17.33 -2.99 20.53
N ALA C 207 -16.97 -4.01 21.29
CA ALA C 207 -16.14 -3.81 22.47
C ALA C 207 -14.75 -3.33 22.08
N ASN C 208 -14.17 -2.49 22.95
CA ASN C 208 -12.82 -2.00 22.70
C ASN C 208 -11.77 -3.09 22.90
N GLU C 209 -12.08 -4.09 23.73
CA GLU C 209 -11.17 -5.21 23.92
C GLU C 209 -11.02 -6.04 22.64
N GLU C 210 -12.00 -5.96 21.75
CA GLU C 210 -11.99 -6.70 20.49
C GLU C 210 -10.97 -6.10 19.55
N LYS C 211 -9.78 -6.71 19.48
CA LYS C 211 -8.71 -6.21 18.63
C LYS C 211 -8.69 -6.83 17.24
N GLU C 212 -9.28 -8.01 17.06
CA GLU C 212 -9.36 -8.62 15.74
C GLU C 212 -10.46 -8.01 14.89
N TRP C 213 -11.38 -7.26 15.49
CA TRP C 213 -12.41 -6.54 14.77
C TRP C 213 -12.21 -5.04 14.95
N GLN C 214 -12.84 -4.27 14.07
CA GLN C 214 -12.80 -2.82 14.17
C GLN C 214 -14.08 -2.27 13.57
N GLU C 215 -14.41 -1.05 13.97
CA GLU C 215 -15.61 -0.38 13.46
C GLU C 215 -15.29 0.37 12.18
N PHE C 216 -16.25 0.40 11.27
CA PHE C 216 -16.09 1.18 10.05
C PHE C 216 -15.98 2.66 10.40
N ASN C 217 -14.92 3.30 9.92
CA ASN C 217 -14.74 4.72 10.17
C ASN C 217 -13.82 5.28 9.08
N ASP C 218 -14.37 6.13 8.24
CA ASP C 218 -13.62 6.81 7.20
C ASP C 218 -13.82 8.32 7.36
N GLU C 219 -13.28 9.09 6.43
CA GLU C 219 -13.53 10.52 6.44
C GLU C 219 -15.00 10.77 6.09
N VAL C 220 -15.65 11.62 6.87
CA VAL C 220 -17.05 11.97 6.66
C VAL C 220 -17.12 13.44 6.31
N TYR C 221 -18.04 13.79 5.43
CA TYR C 221 -18.17 15.15 4.93
C TYR C 221 -19.50 15.73 5.37
N ALA C 222 -19.46 16.88 6.02
CA ALA C 222 -20.67 17.60 6.37
C ALA C 222 -21.19 18.38 5.17
N CYS C 223 -22.48 18.71 5.20
CA CYS C 223 -23.08 19.37 4.06
C CYS C 223 -22.65 20.83 3.94
N ASP C 224 -21.95 21.39 4.93
CA ASP C 224 -21.41 22.74 4.82
C ASP C 224 -19.89 22.74 4.62
N ASP C 225 -19.29 21.59 4.36
CA ASP C 225 -17.86 21.55 4.08
C ASP C 225 -17.58 22.23 2.74
N ALA C 226 -16.41 22.86 2.66
CA ALA C 226 -16.09 23.66 1.47
C ALA C 226 -16.02 22.81 0.21
N GLN C 227 -15.44 21.61 0.31
CA GLN C 227 -15.23 20.80 -0.88
C GLN C 227 -16.54 20.20 -1.39
N TYR C 228 -17.50 19.94 -0.51
CA TYR C 228 -18.77 19.32 -0.88
C TYR C 228 -19.94 20.09 -0.28
N LYS C 229 -19.98 21.40 -0.51
CA LYS C 229 -21.02 22.22 0.09
C LYS C 229 -22.36 22.00 -0.62
N CYS C 230 -23.42 21.87 0.16
CA CYS C 230 -24.78 21.73 -0.33
C CYS C 230 -25.55 23.02 -0.12
N ALA C 231 -26.62 23.18 -0.89
CA ALA C 231 -27.43 24.38 -0.82
C ALA C 231 -28.11 24.51 0.53
N CYS C 232 -28.43 25.76 0.89
CA CYS C 232 -29.14 26.02 2.14
C CYS C 232 -30.50 25.34 2.18
N SER C 233 -31.15 25.19 1.03
CA SER C 233 -32.44 24.49 0.99
C SER C 233 -32.30 23.04 1.42
N ASP C 234 -31.13 22.44 1.20
CA ASP C 234 -30.89 21.05 1.58
C ASP C 234 -29.98 20.91 2.79
N CYS C 235 -29.30 21.97 3.21
CA CYS C 235 -28.35 21.92 4.31
C CYS C 235 -28.62 23.06 5.27
N GLN C 236 -28.76 22.73 6.56
CA GLN C 236 -29.03 23.76 7.56
C GLN C 236 -27.79 24.62 7.82
N GLU C 237 -26.63 23.98 7.97
CA GLU C 237 -25.41 24.71 8.28
C GLU C 237 -24.92 25.58 7.14
N SER C 238 -25.44 25.40 5.93
CA SER C 238 -25.03 26.18 4.77
C SER C 238 -25.82 27.48 4.62
N CYS C 239 -26.79 27.75 5.49
CA CYS C 239 -27.59 28.96 5.35
C CYS C 239 -26.90 30.15 6.00
N PRO C 240 -27.09 31.35 5.46
CA PRO C 240 -26.57 32.54 6.12
C PRO C 240 -27.37 32.82 7.37
N HIS C 241 -26.74 33.52 8.31
CA HIS C 241 -27.37 33.78 9.60
C HIS C 241 -26.55 34.77 10.41
N THR D 20 -24.56 -27.82 11.69
CA THR D 20 -23.94 -27.72 13.00
C THR D 20 -22.42 -27.75 12.88
N ALA D 21 -21.75 -27.64 14.03
CA ALA D 21 -20.28 -27.66 14.12
C ALA D 21 -19.63 -26.43 13.50
N THR D 22 -18.46 -26.04 14.03
CA THR D 22 -17.70 -24.92 13.52
C THR D 22 -16.24 -25.33 13.40
N CYS D 23 -15.66 -25.16 12.21
CA CYS D 23 -14.31 -25.62 11.93
C CYS D 23 -13.40 -24.46 11.58
N ALA D 24 -12.12 -24.62 11.91
CA ALA D 24 -11.09 -23.72 11.42
C ALA D 24 -10.47 -24.22 10.13
N MET D 25 -10.46 -25.53 9.92
CA MET D 25 -9.92 -26.13 8.70
C MET D 25 -10.64 -27.44 8.45
N TYR D 26 -10.79 -27.80 7.17
CA TYR D 26 -11.47 -29.02 6.79
C TYR D 26 -10.88 -29.54 5.50
N GLY D 27 -10.55 -30.83 5.47
CA GLY D 27 -9.98 -31.44 4.29
C GLY D 27 -8.55 -30.97 4.04
N ASN D 28 -8.01 -31.43 2.91
CA ASN D 28 -6.65 -31.06 2.51
C ASN D 28 -6.68 -30.40 1.13
N CYS D 29 -5.75 -29.47 0.91
CA CYS D 29 -5.70 -28.71 -0.33
C CYS D 29 -4.35 -28.84 -1.01
N GLY D 30 -3.83 -30.05 -1.12
CA GLY D 30 -2.60 -30.29 -1.83
C GLY D 30 -1.35 -30.14 -0.96
N LYS D 31 -0.22 -30.52 -1.55
CA LYS D 31 1.06 -30.52 -0.86
C LYS D 31 1.79 -29.20 -1.06
N LYS D 32 2.70 -28.90 -0.13
CA LYS D 32 3.58 -27.75 -0.28
C LYS D 32 4.90 -28.10 -0.94
N SER D 33 5.29 -29.37 -0.92
CA SER D 33 6.46 -29.85 -1.64
C SER D 33 6.10 -31.18 -2.30
N VAL D 34 6.91 -31.55 -3.30
CA VAL D 34 6.62 -32.79 -4.03
C VAL D 34 6.84 -34.01 -3.14
N PHE D 35 7.71 -33.90 -2.14
CA PHE D 35 7.98 -35.01 -1.23
C PHE D 35 7.16 -34.95 0.04
N GLY D 36 6.69 -33.78 0.45
CA GLY D 36 5.92 -33.65 1.66
C GLY D 36 4.50 -34.15 1.49
N ASN D 37 3.70 -33.94 2.54
CA ASN D 37 2.32 -34.36 2.58
C ASN D 37 1.40 -33.18 2.26
N GLU D 38 0.10 -33.47 2.20
CA GLU D 38 -0.90 -32.45 1.96
C GLU D 38 -1.30 -31.79 3.27
N LEU D 39 -1.69 -30.51 3.17
CA LEU D 39 -1.99 -29.70 4.35
C LEU D 39 -3.45 -29.24 4.32
N PRO D 40 -4.02 -28.92 5.48
CA PRO D 40 -5.47 -28.66 5.53
C PRO D 40 -5.86 -27.34 4.87
N CYS D 41 -7.14 -27.27 4.49
CA CYS D 41 -7.69 -26.05 3.90
C CYS D 41 -8.37 -25.23 4.99
N PRO D 42 -7.99 -23.98 5.18
CA PRO D 42 -8.78 -23.11 6.06
C PRO D 42 -10.19 -22.92 5.51
N VAL D 43 -11.18 -23.03 6.40
CA VAL D 43 -12.57 -22.83 6.01
C VAL D 43 -13.14 -21.66 6.82
N PRO D 44 -14.11 -20.92 6.29
CA PRO D 44 -14.69 -19.81 7.06
C PRO D 44 -15.45 -20.33 8.28
N ARG D 45 -15.75 -19.40 9.19
CA ARG D 45 -16.41 -19.79 10.42
C ARG D 45 -17.86 -20.22 10.18
N SER D 46 -18.50 -19.68 9.14
CA SER D 46 -19.85 -20.08 8.79
C SER D 46 -19.89 -21.43 8.07
N PHE D 47 -18.73 -21.98 7.69
CA PHE D 47 -18.70 -23.29 7.08
C PHE D 47 -19.18 -24.35 8.06
N GLU D 48 -19.91 -25.34 7.55
CA GLU D 48 -20.38 -26.44 8.35
C GLU D 48 -19.96 -27.74 7.67
N PRO D 49 -19.33 -28.67 8.39
CA PRO D 49 -18.87 -29.91 7.76
C PRO D 49 -20.04 -30.81 7.46
N PRO D 50 -19.92 -31.70 6.48
CA PRO D 50 -20.99 -32.67 6.22
C PRO D 50 -21.06 -33.73 7.31
N VAL D 51 -22.00 -34.67 7.15
CA VAL D 51 -22.08 -35.78 8.09
C VAL D 51 -20.93 -36.76 7.81
N LEU D 52 -20.35 -37.29 8.87
CA LEU D 52 -19.27 -38.25 8.73
C LEU D 52 -19.75 -39.49 7.97
N SER D 53 -18.93 -39.96 7.04
CA SER D 53 -19.21 -41.21 6.37
C SER D 53 -18.99 -42.37 7.34
N ASP D 54 -19.50 -43.55 6.95
CA ASP D 54 -19.30 -44.74 7.78
C ASP D 54 -17.83 -45.09 7.89
N GLU D 55 -17.08 -44.97 6.79
CA GLU D 55 -15.67 -45.34 6.80
C GLU D 55 -14.86 -44.39 7.68
N THR D 56 -15.18 -43.10 7.65
CA THR D 56 -14.47 -42.14 8.49
C THR D 56 -14.88 -42.30 9.96
N SER D 57 -16.15 -42.60 10.21
CA SER D 57 -16.61 -42.77 11.58
C SER D 57 -16.03 -44.04 12.21
N LYS D 58 -15.97 -45.12 11.45
CA LYS D 58 -15.38 -46.36 11.96
C LYS D 58 -13.90 -46.16 12.28
N LEU D 59 -13.17 -45.52 11.36
CA LEU D 59 -11.75 -45.28 11.58
C LEU D 59 -11.52 -44.28 12.70
N LEU D 60 -12.44 -43.32 12.88
CA LEU D 60 -12.30 -42.34 13.95
C LEU D 60 -12.36 -43.02 15.31
N VAL D 61 -13.16 -44.08 15.45
CA VAL D 61 -13.24 -44.78 16.72
C VAL D 61 -11.99 -45.63 16.95
N GLU D 62 -11.46 -46.25 15.88
CA GLU D 62 -10.30 -47.11 16.03
C GLU D 62 -9.06 -46.33 16.45
N VAL D 63 -8.98 -45.06 16.10
CA VAL D 63 -7.80 -44.24 16.36
C VAL D 63 -7.96 -43.40 17.61
N CYS D 64 -9.16 -42.87 17.86
CA CYS D 64 -9.37 -41.90 18.93
C CYS D 64 -10.16 -42.43 20.11
N GLY D 65 -10.69 -43.64 20.04
CA GLY D 65 -11.36 -44.26 21.17
C GLY D 65 -12.87 -44.29 20.99
N GLU D 66 -13.53 -44.95 21.96
CA GLU D 66 -14.97 -45.15 21.93
C GLU D 66 -15.76 -43.90 22.26
N GLU D 67 -15.11 -42.81 22.67
CA GLU D 67 -15.81 -41.57 22.95
C GLU D 67 -16.25 -40.83 21.69
N TRP D 68 -15.96 -41.37 20.51
CA TRP D 68 -16.33 -40.75 19.24
C TRP D 68 -17.40 -41.54 18.50
N LYS D 69 -18.08 -42.46 19.18
CA LYS D 69 -19.06 -43.31 18.51
C LYS D 69 -20.26 -42.50 18.00
N GLU D 70 -20.95 -41.81 18.90
CA GLU D 70 -22.16 -41.08 18.55
C GLU D 70 -21.88 -39.71 17.94
N VAL D 71 -20.66 -39.46 17.46
CA VAL D 71 -20.32 -38.20 16.81
C VAL D 71 -20.69 -38.32 15.34
N ARG D 72 -21.57 -37.43 14.87
CA ARG D 72 -22.01 -37.45 13.48
C ARG D 72 -21.33 -36.38 12.63
N TYR D 73 -20.90 -35.28 13.23
CA TYR D 73 -20.24 -34.19 12.52
C TYR D 73 -18.84 -33.99 13.10
N ALA D 74 -17.85 -33.89 12.23
CA ALA D 74 -16.47 -33.70 12.65
C ALA D 74 -15.77 -32.76 11.67
N CYS D 75 -14.73 -32.08 12.17
CA CYS D 75 -13.97 -31.12 11.38
C CYS D 75 -12.81 -31.78 10.63
N CYS D 76 -12.94 -33.05 10.27
CA CYS D 76 -11.84 -33.78 9.65
C CYS D 76 -12.41 -34.78 8.66
N THR D 77 -11.62 -35.05 7.62
CA THR D 77 -11.97 -36.02 6.59
C THR D 77 -11.25 -37.34 6.84
N LYS D 78 -11.47 -38.30 5.93
CA LYS D 78 -10.82 -39.59 6.06
C LYS D 78 -9.30 -39.46 5.97
N ASP D 79 -8.82 -38.61 5.07
CA ASP D 79 -7.37 -38.47 4.91
C ASP D 79 -6.73 -37.77 6.10
N GLN D 80 -7.47 -36.86 6.77
CA GLN D 80 -6.93 -36.23 7.96
C GLN D 80 -6.82 -37.22 9.11
N VAL D 81 -7.65 -38.26 9.11
CA VAL D 81 -7.59 -39.26 10.18
C VAL D 81 -6.46 -40.26 9.92
N VAL D 82 -6.27 -40.66 8.66
CA VAL D 82 -5.16 -41.57 8.37
C VAL D 82 -3.82 -40.87 8.60
N ALA D 83 -3.76 -39.55 8.40
CA ALA D 83 -2.57 -38.81 8.75
C ALA D 83 -2.41 -38.72 10.27
N LEU D 84 -3.52 -38.63 11.00
CA LEU D 84 -3.46 -38.64 12.45
C LEU D 84 -3.01 -39.99 12.98
N ARG D 85 -3.48 -41.08 12.36
CA ARG D 85 -3.11 -42.42 12.81
C ARG D 85 -1.65 -42.72 12.54
N ASP D 86 -1.17 -42.39 11.34
CA ASP D 86 0.22 -42.69 10.98
C ASP D 86 1.21 -41.97 11.88
N ASN D 87 0.86 -40.77 12.34
CA ASN D 87 1.78 -40.02 13.20
C ASN D 87 1.67 -40.45 14.65
N LEU D 88 0.46 -40.78 15.12
CA LEU D 88 0.31 -41.27 16.48
C LEU D 88 0.98 -42.62 16.68
N GLN D 89 0.99 -43.47 15.65
CA GLN D 89 1.63 -44.77 15.77
C GLN D 89 3.14 -44.67 15.92
N LYS D 90 3.74 -43.55 15.51
CA LYS D 90 5.18 -43.38 15.73
C LYS D 90 5.48 -42.98 17.18
N ALA D 91 4.64 -42.13 17.77
CA ALA D 91 4.84 -41.67 19.13
C ALA D 91 4.16 -42.56 20.16
N GLN D 92 3.32 -43.52 19.74
CA GLN D 92 2.61 -44.36 20.70
C GLN D 92 3.54 -45.28 21.48
N PRO D 93 4.50 -45.99 20.86
CA PRO D 93 5.37 -46.87 21.66
C PRO D 93 6.18 -46.14 22.72
N LEU D 94 6.39 -44.83 22.58
CA LEU D 94 7.16 -44.09 23.57
C LEU D 94 6.39 -43.87 24.85
N ILE D 95 5.06 -44.03 24.84
CA ILE D 95 4.23 -43.79 26.02
C ILE D 95 3.21 -44.90 26.18
N SER D 96 3.39 -46.00 25.45
CA SER D 96 2.45 -47.11 25.53
C SER D 96 2.45 -47.76 26.90
N SER D 97 3.57 -47.69 27.62
CA SER D 97 3.63 -48.26 28.96
C SER D 97 2.78 -47.50 29.96
N CYS D 98 2.44 -46.25 29.67
CA CYS D 98 1.64 -45.41 30.57
C CYS D 98 0.31 -45.08 29.90
N PRO D 99 -0.77 -45.78 30.26
CA PRO D 99 -2.07 -45.50 29.63
C PRO D 99 -2.58 -44.10 29.88
N ALA D 100 -2.30 -43.52 31.05
CA ALA D 100 -2.80 -42.19 31.36
C ALA D 100 -2.23 -41.14 30.42
N CYS D 101 -0.91 -41.19 30.20
CA CYS D 101 -0.29 -40.26 29.26
C CYS D 101 -0.77 -40.53 27.83
N LEU D 102 -0.90 -41.80 27.46
CA LEU D 102 -1.35 -42.15 26.11
C LEU D 102 -2.79 -41.69 25.89
N LYS D 103 -3.64 -41.81 26.91
CA LYS D 103 -5.02 -41.34 26.79
C LYS D 103 -5.07 -39.83 26.58
N ASN D 104 -4.26 -39.08 27.34
CA ASN D 104 -4.23 -37.63 27.18
C ASN D 104 -3.56 -37.22 25.88
N PHE D 105 -2.51 -37.95 25.49
CA PHE D 105 -1.79 -37.61 24.26
C PHE D 105 -2.68 -37.76 23.04
N ASN D 106 -3.41 -38.88 22.96
CA ASN D 106 -4.30 -39.10 21.82
C ASN D 106 -5.48 -38.14 21.86
N ASN D 107 -6.02 -37.87 23.05
CA ASN D 107 -7.18 -36.98 23.15
C ASN D 107 -6.84 -35.55 22.76
N LEU D 108 -5.57 -35.15 22.84
CA LEU D 108 -5.21 -33.80 22.44
C LEU D 108 -5.30 -33.63 20.92
N PHE D 109 -4.66 -34.50 20.17
CA PHE D 109 -4.62 -34.36 18.72
C PHE D 109 -5.91 -34.83 18.05
N CYS D 110 -6.72 -35.64 18.74
CA CYS D 110 -8.00 -36.05 18.17
C CYS D 110 -8.99 -34.89 18.18
N HIS D 111 -9.15 -34.24 19.33
CA HIS D 111 -10.00 -33.04 19.38
C HIS D 111 -9.43 -31.93 18.50
N PHE D 112 -8.11 -31.84 18.40
CA PHE D 112 -7.52 -30.81 17.54
C PHE D 112 -7.87 -31.02 16.08
N THR D 113 -8.00 -32.27 15.65
CA THR D 113 -8.23 -32.56 14.24
C THR D 113 -9.71 -32.68 13.90
N CYS D 114 -10.53 -33.23 14.80
CA CYS D 114 -11.87 -33.65 14.44
C CYS D 114 -13.00 -33.07 15.29
N ALA D 115 -12.70 -32.41 16.41
CA ALA D 115 -13.76 -31.94 17.29
C ALA D 115 -14.65 -30.92 16.57
N ALA D 116 -15.96 -31.03 16.79
CA ALA D 116 -16.92 -30.16 16.11
C ALA D 116 -16.79 -28.70 16.54
N ASP D 117 -16.12 -28.42 17.65
CA ASP D 117 -15.85 -27.06 18.10
C ASP D 117 -14.42 -26.63 17.80
N GLN D 118 -13.77 -27.28 16.82
CA GLN D 118 -12.38 -26.96 16.50
C GLN D 118 -12.22 -25.49 16.15
N GLY D 119 -13.16 -24.94 15.38
CA GLY D 119 -13.07 -23.55 14.95
C GLY D 119 -13.11 -22.54 16.07
N ARG D 120 -13.49 -22.94 17.27
CA ARG D 120 -13.55 -22.02 18.40
C ARG D 120 -12.29 -22.01 19.26
N PHE D 121 -11.44 -23.03 19.18
CA PHE D 121 -10.18 -23.01 19.92
C PHE D 121 -8.97 -23.13 19.00
N VAL D 122 -9.16 -23.07 17.69
CA VAL D 122 -8.06 -23.08 16.72
C VAL D 122 -8.22 -21.87 15.80
N ASN D 123 -7.18 -21.06 15.70
CA ASN D 123 -7.20 -19.83 14.92
C ASN D 123 -6.08 -19.88 13.88
N ILE D 124 -6.46 -19.97 12.61
CA ILE D 124 -5.47 -19.93 11.53
C ILE D 124 -4.87 -18.53 11.46
N THR D 125 -3.55 -18.46 11.40
CA THR D 125 -2.85 -17.18 11.40
C THR D 125 -2.01 -16.94 10.16
N LYS D 126 -1.64 -17.97 9.41
CA LYS D 126 -0.78 -17.80 8.26
C LYS D 126 -1.00 -18.95 7.30
N VAL D 127 -1.09 -18.64 6.00
CA VAL D 127 -1.33 -19.62 4.96
C VAL D 127 -0.34 -19.39 3.81
N GLU D 128 -0.26 -20.38 2.92
CA GLU D 128 0.55 -20.27 1.72
C GLU D 128 -0.07 -21.11 0.63
N LYS D 129 0.35 -20.87 -0.60
CA LYS D 129 -0.17 -21.60 -1.75
C LYS D 129 0.51 -22.97 -1.87
N SER D 130 -0.27 -23.97 -2.24
CA SER D 130 0.22 -25.33 -2.40
C SER D 130 0.56 -25.59 -3.87
N LYS D 131 0.99 -26.82 -4.16
CA LYS D 131 1.25 -27.21 -5.54
C LYS D 131 -0.01 -27.15 -6.37
N GLU D 132 -1.16 -27.47 -5.77
CA GLU D 132 -2.46 -27.38 -6.44
C GLU D 132 -3.02 -25.97 -6.43
N ASP D 133 -2.19 -24.98 -6.06
CA ASP D 133 -2.55 -23.57 -6.12
C ASP D 133 -3.75 -23.24 -5.22
N LYS D 134 -3.79 -23.89 -4.06
CA LYS D 134 -4.84 -23.67 -3.07
C LYS D 134 -4.22 -23.32 -1.73
N ASP D 135 -4.96 -22.54 -0.94
CA ASP D 135 -4.45 -22.07 0.35
C ASP D 135 -4.37 -23.23 1.34
N ILE D 136 -3.18 -23.46 1.89
CA ILE D 136 -2.97 -24.48 2.90
C ILE D 136 -2.43 -23.83 4.16
N VAL D 137 -2.64 -24.51 5.29
CA VAL D 137 -2.29 -23.96 6.59
C VAL D 137 -0.77 -23.92 6.75
N ALA D 138 -0.25 -22.77 7.13
CA ALA D 138 1.17 -22.59 7.42
C ALA D 138 1.47 -22.38 8.89
N GLU D 139 0.61 -21.64 9.60
CA GLU D 139 0.79 -21.41 11.03
C GLU D 139 -0.57 -21.10 11.65
N LEU D 140 -0.82 -21.68 12.82
CA LEU D 140 -2.06 -21.46 13.53
C LEU D 140 -1.80 -21.41 15.02
N ASP D 141 -2.77 -20.87 15.75
CA ASP D 141 -2.75 -20.82 17.20
C ASP D 141 -3.79 -21.76 17.78
N VAL D 142 -3.46 -22.36 18.92
CA VAL D 142 -4.36 -23.24 19.64
C VAL D 142 -4.48 -22.71 21.07
N PHE D 143 -5.66 -22.19 21.41
CA PHE D 143 -5.88 -21.66 22.75
C PHE D 143 -6.00 -22.81 23.74
N MET D 144 -5.07 -22.87 24.68
CA MET D 144 -4.91 -24.01 25.58
C MET D 144 -5.16 -23.58 27.02
N ASN D 145 -5.97 -24.37 27.73
CA ASN D 145 -6.15 -24.15 29.15
C ASN D 145 -4.89 -24.55 29.90
N SER D 146 -4.38 -23.64 30.73
CA SER D 146 -3.16 -23.92 31.49
C SER D 146 -3.37 -25.09 32.45
N SER D 147 -4.57 -25.19 33.03
CA SER D 147 -4.83 -26.29 33.96
C SER D 147 -4.84 -27.64 33.26
N TRP D 148 -5.29 -27.68 32.00
CA TRP D 148 -5.27 -28.93 31.26
C TRP D 148 -3.84 -29.30 30.86
N ALA D 149 -3.12 -28.35 30.27
CA ALA D 149 -1.76 -28.62 29.82
C ALA D 149 -0.83 -28.96 30.99
N SER D 150 -1.10 -28.40 32.18
CA SER D 150 -0.30 -28.74 33.34
C SER D 150 -0.49 -30.20 33.73
N GLU D 151 -1.74 -30.67 33.75
CA GLU D 151 -2.00 -32.07 34.09
C GLU D 151 -1.60 -33.01 32.97
N PHE D 152 -1.56 -32.53 31.72
CA PHE D 152 -1.08 -33.35 30.62
C PHE D 152 0.42 -33.60 30.74
N TYR D 153 1.20 -32.57 31.07
CA TYR D 153 2.64 -32.74 31.22
C TYR D 153 2.97 -33.62 32.42
N ASP D 154 2.22 -33.46 33.52
CA ASP D 154 2.53 -34.22 34.72
C ASP D 154 2.34 -35.72 34.52
N SER D 155 1.49 -36.12 33.58
CA SER D 155 1.24 -37.53 33.32
C SER D 155 2.29 -38.17 32.41
N CYS D 156 3.19 -37.37 31.84
CA CYS D 156 4.17 -37.88 30.89
C CYS D 156 5.61 -37.54 31.23
N LYS D 157 5.86 -36.68 32.23
CA LYS D 157 7.21 -36.20 32.50
C LYS D 157 8.09 -37.28 33.12
N ASN D 158 7.51 -38.33 33.71
CA ASN D 158 8.28 -39.32 34.45
C ASN D 158 8.17 -40.70 33.81
N ILE D 159 7.92 -40.76 32.51
CA ILE D 159 7.82 -42.04 31.82
C ILE D 159 9.22 -42.51 31.44
N LYS D 160 9.56 -43.72 31.87
CA LYS D 160 10.84 -44.36 31.53
C LYS D 160 10.62 -45.34 30.38
N PHE D 161 11.50 -45.26 29.38
CA PHE D 161 11.46 -46.22 28.29
C PHE D 161 11.98 -47.57 28.81
N SER D 162 11.18 -48.62 28.66
CA SER D 162 11.51 -49.90 29.28
C SER D 162 12.68 -50.58 28.59
N ALA D 163 12.76 -50.47 27.26
CA ALA D 163 13.79 -51.16 26.49
C ALA D 163 15.13 -50.46 26.49
N THR D 164 15.30 -49.41 27.29
CA THR D 164 16.57 -48.72 27.42
C THR D 164 16.61 -48.01 28.78
N ASN D 165 17.56 -47.09 28.94
CA ASN D 165 17.71 -46.30 30.16
C ASN D 165 17.59 -44.83 29.78
N GLY D 166 16.35 -44.36 29.65
CA GLY D 166 16.11 -42.98 29.29
C GLY D 166 14.69 -42.56 29.58
N TYR D 167 14.50 -41.24 29.65
CA TYR D 167 13.19 -40.67 29.86
C TYR D 167 12.44 -40.53 28.54
N ALA D 168 11.13 -40.80 28.58
CA ALA D 168 10.33 -40.65 27.37
C ALA D 168 10.16 -39.19 26.98
N MET D 169 10.24 -38.28 27.95
CA MET D 169 10.09 -36.85 27.67
C MET D 169 11.24 -36.32 26.83
N ASP D 170 12.38 -37.01 26.81
CA ASP D 170 13.50 -36.58 25.96
C ASP D 170 13.21 -36.80 24.48
N LEU D 171 12.20 -37.61 24.15
CA LEU D 171 11.85 -37.89 22.76
C LEU D 171 10.59 -37.15 22.33
N ILE D 172 9.48 -37.36 23.02
CA ILE D 172 8.24 -36.68 22.66
C ILE D 172 8.28 -35.20 23.05
N GLY D 173 9.14 -34.82 23.98
CA GLY D 173 9.21 -33.43 24.42
C GLY D 173 10.58 -32.81 24.26
N GLY D 174 11.57 -33.63 23.92
CA GLY D 174 12.93 -33.13 23.77
C GLY D 174 13.53 -32.57 25.04
N GLY D 175 13.21 -33.15 26.17
CA GLY D 175 13.71 -32.65 27.44
C GLY D 175 12.99 -31.42 27.95
N ALA D 176 11.66 -31.41 27.86
CA ALA D 176 10.88 -30.26 28.31
C ALA D 176 10.73 -30.30 29.83
N LYS D 177 10.97 -29.16 30.48
CA LYS D 177 10.93 -29.09 31.93
C LYS D 177 9.56 -28.69 32.47
N ASN D 178 8.69 -28.11 31.64
CA ASN D 178 7.36 -27.72 32.08
C ASN D 178 6.41 -27.90 30.90
N TYR D 179 5.13 -27.59 31.14
CA TYR D 179 4.10 -27.87 30.14
C TYR D 179 4.24 -26.98 28.90
N SER D 180 4.68 -25.73 29.08
CA SER D 180 4.82 -24.84 27.93
C SER D 180 5.88 -25.36 26.96
N GLN D 181 7.02 -25.82 27.49
CA GLN D 181 8.05 -26.38 26.63
C GLN D 181 7.60 -27.69 25.98
N PHE D 182 6.79 -28.48 26.69
CA PHE D 182 6.29 -29.73 26.12
C PHE D 182 5.46 -29.46 24.87
N LEU D 183 4.43 -28.64 24.99
CA LEU D 183 3.56 -28.37 23.84
C LEU D 183 4.31 -27.63 22.74
N LYS D 184 5.33 -26.85 23.09
CA LYS D 184 6.12 -26.18 22.07
C LYS D 184 6.89 -27.17 21.22
N PHE D 185 7.41 -28.23 21.83
CA PHE D 185 8.09 -29.27 21.06
C PHE D 185 7.10 -30.00 20.16
N LEU D 186 5.89 -30.25 20.65
CA LEU D 186 4.89 -30.94 19.84
C LEU D 186 4.37 -30.06 18.71
N GLY D 187 4.32 -28.74 18.92
CA GLY D 187 3.71 -27.84 17.95
C GLY D 187 4.66 -27.22 16.95
N ASP D 188 5.95 -27.19 17.26
CA ASP D 188 6.91 -26.60 16.34
C ASP D 188 7.06 -27.44 15.07
N ALA D 189 7.23 -26.76 13.94
CA ALA D 189 7.23 -27.41 12.64
C ALA D 189 8.46 -28.30 12.50
N LYS D 190 8.24 -29.61 12.49
CA LYS D 190 9.30 -30.60 12.23
C LYS D 190 8.77 -31.62 11.23
N PRO D 191 8.61 -31.22 9.96
CA PRO D 191 8.03 -32.16 8.99
C PRO D 191 8.94 -33.34 8.69
N MET D 192 10.24 -33.09 8.52
CA MET D 192 11.18 -34.16 8.20
C MET D 192 11.51 -35.03 9.39
N LEU D 193 11.03 -34.68 10.59
CA LEU D 193 11.31 -35.43 11.80
C LEU D 193 10.07 -36.10 12.39
N GLY D 194 9.01 -36.23 11.58
CA GLY D 194 7.80 -36.87 12.07
C GLY D 194 6.97 -36.03 13.00
N GLY D 195 7.20 -34.73 13.03
CA GLY D 195 6.47 -33.80 13.89
C GLY D 195 5.35 -33.13 13.15
N SER D 196 5.14 -31.85 13.46
CA SER D 196 4.04 -31.09 12.86
C SER D 196 4.43 -30.62 11.47
N PRO D 197 3.59 -30.84 10.46
CA PRO D 197 3.92 -30.33 9.11
C PRO D 197 3.87 -28.81 9.02
N PHE D 198 3.26 -28.13 9.97
CA PHE D 198 3.20 -26.68 10.00
C PHE D 198 3.37 -26.20 11.43
N GLN D 199 3.49 -24.88 11.58
CA GLN D 199 3.76 -24.31 12.90
C GLN D 199 2.47 -24.23 13.71
N ILE D 200 2.47 -24.87 14.88
CA ILE D 200 1.34 -24.84 15.81
C ILE D 200 1.83 -24.18 17.09
N ASN D 201 1.24 -23.04 17.42
CA ASN D 201 1.59 -22.30 18.63
C ASN D 201 0.44 -22.44 19.63
N TYR D 202 0.75 -22.97 20.81
CA TYR D 202 -0.23 -23.10 21.88
C TYR D 202 -0.25 -21.81 22.70
N LYS D 203 -1.41 -21.17 22.79
CA LYS D 203 -1.57 -19.89 23.46
C LYS D 203 -2.31 -20.08 24.77
N TYR D 204 -1.79 -19.46 25.82
CA TYR D 204 -2.41 -19.52 27.15
C TYR D 204 -2.93 -18.17 27.61
N ASP D 205 -3.06 -17.20 26.70
CA ASP D 205 -3.40 -15.83 27.05
C ASP D 205 -4.69 -15.38 26.37
N LEU D 206 -5.65 -16.29 26.19
CA LEU D 206 -6.93 -15.92 25.60
C LEU D 206 -7.76 -15.13 26.61
N ALA D 207 -8.08 -13.90 26.25
CA ALA D 207 -8.79 -13.01 27.17
C ALA D 207 -10.20 -13.53 27.41
N ASN D 208 -10.69 -13.34 28.64
CA ASN D 208 -12.05 -13.74 28.98
C ASN D 208 -13.09 -12.91 28.25
N GLU D 209 -12.72 -11.72 27.78
CA GLU D 209 -13.65 -10.90 27.00
C GLU D 209 -14.00 -11.56 25.68
N GLU D 210 -13.09 -12.36 25.12
CA GLU D 210 -13.33 -13.06 23.87
C GLU D 210 -14.36 -14.16 24.10
N LYS D 211 -15.59 -13.93 23.65
CA LYS D 211 -16.62 -14.95 23.74
C LYS D 211 -16.73 -15.79 22.46
N GLU D 212 -16.27 -15.25 21.33
CA GLU D 212 -16.27 -16.01 20.09
C GLU D 212 -15.18 -17.09 20.06
N TRP D 213 -14.28 -17.09 21.03
CA TRP D 213 -13.25 -18.11 21.14
C TRP D 213 -13.35 -18.79 22.50
N GLN D 214 -12.73 -19.97 22.59
CA GLN D 214 -12.65 -20.69 23.85
C GLN D 214 -11.33 -21.45 23.88
N GLU D 215 -10.91 -21.84 25.07
CA GLU D 215 -9.70 -22.63 25.23
C GLU D 215 -10.03 -24.12 25.18
N PHE D 216 -9.08 -24.90 24.69
CA PHE D 216 -9.22 -26.35 24.72
C PHE D 216 -9.31 -26.83 26.17
N ASN D 217 -10.31 -27.67 26.45
CA ASN D 217 -10.51 -28.15 27.81
C ASN D 217 -11.35 -29.41 27.74
N ASP D 218 -10.73 -30.55 28.00
CA ASP D 218 -11.43 -31.83 28.01
C ASP D 218 -11.09 -32.59 29.29
N GLU D 219 -11.50 -33.85 29.38
CA GLU D 219 -11.09 -34.67 30.52
C GLU D 219 -9.57 -34.86 30.51
N VAL D 220 -9.00 -34.95 31.70
CA VAL D 220 -7.56 -35.16 31.85
C VAL D 220 -7.33 -36.22 32.92
N TYR D 221 -6.28 -37.00 32.73
CA TYR D 221 -5.99 -38.15 33.60
C TYR D 221 -4.54 -38.08 34.07
N ALA D 222 -4.35 -38.11 35.38
CA ALA D 222 -3.01 -38.20 35.94
C ALA D 222 -2.47 -39.61 35.84
N CYS D 223 -1.15 -39.75 35.95
CA CYS D 223 -0.54 -41.07 35.81
C CYS D 223 -0.88 -42.01 36.96
N ASP D 224 -1.40 -41.50 38.07
CA ASP D 224 -1.82 -42.32 39.20
C ASP D 224 -3.33 -42.56 39.22
N ASP D 225 -3.98 -42.45 38.07
CA ASP D 225 -5.43 -42.59 38.00
C ASP D 225 -5.83 -44.06 37.86
N ALA D 226 -6.94 -44.42 38.50
CA ALA D 226 -7.33 -45.82 38.59
C ALA D 226 -7.56 -46.43 37.22
N GLN D 227 -8.34 -45.77 36.37
CA GLN D 227 -8.69 -46.33 35.07
C GLN D 227 -7.45 -46.54 34.21
N TYR D 228 -6.52 -45.59 34.22
CA TYR D 228 -5.33 -45.69 33.38
C TYR D 228 -4.06 -45.66 34.22
N LYS D 229 -3.98 -46.53 35.22
CA LYS D 229 -2.85 -46.53 36.14
C LYS D 229 -1.56 -46.92 35.44
N CYS D 230 -0.54 -46.08 35.59
CA CYS D 230 0.79 -46.38 35.08
C CYS D 230 1.65 -46.94 36.21
N ALA D 231 2.66 -47.73 35.83
CA ALA D 231 3.52 -48.36 36.82
C ALA D 231 4.29 -47.30 37.61
N CYS D 232 4.71 -47.69 38.82
CA CYS D 232 5.55 -46.82 39.62
C CYS D 232 6.84 -46.47 38.89
N SER D 233 7.31 -47.36 38.00
CA SER D 233 8.47 -47.06 37.19
C SER D 233 8.25 -45.83 36.33
N ASP D 234 7.03 -45.64 35.83
CA ASP D 234 6.71 -44.55 34.93
C ASP D 234 5.89 -43.44 35.58
N CYS D 235 5.55 -43.57 36.86
CA CYS D 235 4.71 -42.60 37.54
C CYS D 235 5.18 -42.43 38.98
N GLN D 236 5.24 -41.19 39.43
CA GLN D 236 5.74 -40.91 40.77
C GLN D 236 4.69 -41.16 41.84
N GLU D 237 3.45 -40.77 41.59
CA GLU D 237 2.39 -40.93 42.58
C GLU D 237 1.84 -42.35 42.64
N SER D 238 2.15 -43.20 41.66
CA SER D 238 1.74 -44.59 41.70
C SER D 238 2.61 -45.44 42.63
N CYS D 239 3.65 -44.86 43.19
CA CYS D 239 4.51 -45.53 44.16
C CYS D 239 3.97 -45.34 45.56
N PRO D 240 4.31 -46.23 46.50
CA PRO D 240 3.89 -46.04 47.89
C PRO D 240 4.53 -44.81 48.50
N HIS D 241 3.68 -43.84 48.86
CA HIS D 241 4.15 -42.58 49.44
C HIS D 241 4.70 -42.79 50.85
C1 NAG E . 6.70 19.78 -6.93
C2 NAG E . 6.48 20.10 -5.45
C3 NAG E . 6.63 18.84 -4.60
C4 NAG E . 5.79 17.69 -5.15
C5 NAG E . 6.02 17.52 -6.65
C6 NAG E . 5.09 16.51 -7.28
C7 NAG E . 7.02 22.34 -4.59
C8 NAG E . 8.12 23.27 -4.17
N2 NAG E . 7.41 21.13 -5.01
O3 NAG E . 6.24 19.14 -3.27
O4 NAG E . 6.17 16.48 -4.52
O5 NAG E . 5.80 18.76 -7.33
O6 NAG E . 5.58 16.06 -8.54
O7 NAG E . 5.84 22.68 -4.58
C1 NAG E . 5.29 16.13 -3.44
C2 NAG E . 5.47 14.64 -3.17
C3 NAG E . 4.58 14.21 -2.02
C4 NAG E . 4.81 15.10 -0.80
C5 NAG E . 4.69 16.58 -1.17
C6 NAG E . 5.07 17.51 -0.04
C7 NAG E . 6.11 13.07 -4.94
C8 NAG E . 7.46 13.04 -4.29
N2 NAG E . 5.20 13.86 -4.36
O3 NAG E . 4.86 12.85 -1.69
O4 NAG E . 3.84 14.82 0.21
O5 NAG E . 5.56 16.87 -2.27
O6 NAG E . 5.47 18.78 -0.53
O7 NAG E . 5.85 12.42 -5.95
C1 BMA E . 4.48 14.09 1.28
C2 BMA E . 3.66 14.33 2.56
C3 BMA E . 4.19 13.43 3.67
C4 BMA E . 4.25 11.97 3.21
C5 BMA E . 5.09 11.85 1.92
C6 BMA E . 5.06 10.47 1.33
O2 BMA E . 2.30 14.00 2.38
O3 BMA E . 3.39 13.54 4.85
O4 BMA E . 4.81 11.16 4.22
O5 BMA E . 4.51 12.71 0.94
O6 BMA E . 3.70 10.03 1.41
C1 MAN E . 3.64 8.60 1.40
C2 MAN E . 2.39 8.19 0.63
C3 MAN E . 1.14 8.70 1.37
C4 MAN E . 1.17 8.30 2.88
C5 MAN E . 2.52 8.73 3.50
C6 MAN E . 2.71 8.27 4.94
O2 MAN E . 2.24 6.77 0.56
O3 MAN E . -0.11 8.29 0.76
O4 MAN E . 0.13 8.95 3.57
O5 MAN E . 3.59 8.14 2.72
O6 MAN E . 3.38 7.02 4.92
C1 MAN E . -0.94 9.29 0.09
C2 MAN E . -0.15 9.93 -1.13
C3 MAN E . -0.56 11.37 -1.37
C4 MAN E . -0.44 12.28 -0.13
C5 MAN E . -0.66 11.52 1.21
C6 MAN E . -1.27 12.42 2.26
O2 MAN E . -0.43 9.24 -2.36
O3 MAN E . -1.89 11.43 -1.88
O4 MAN E . 0.84 12.88 -0.12
O5 MAN E . -1.48 10.35 0.99
O6 MAN E . -2.63 12.68 1.90
C1 MAN E . 0.81 8.70 -2.88
C2 MAN E . 1.09 9.38 -4.24
C3 MAN E . 1.05 8.35 -5.38
C4 MAN E . -0.15 7.38 -5.30
C5 MAN E . -0.39 6.90 -3.84
C6 MAN E . -0.52 5.40 -3.71
O2 MAN E . 2.40 9.96 -4.28
O3 MAN E . 2.28 7.61 -5.49
O4 MAN E . -1.32 8.01 -5.79
O5 MAN E . 0.70 7.32 -3.02
O6 MAN E . -0.27 5.04 -2.36
C1 MAN E . 4.46 7.02 5.88
C2 MAN E . 5.71 7.63 5.18
C3 MAN E . 6.18 6.70 4.06
C4 MAN E . 6.31 5.24 4.53
C5 MAN E . 5.03 4.78 5.25
C6 MAN E . 5.15 3.40 5.86
O2 MAN E . 6.81 7.73 6.09
O3 MAN E . 7.41 7.15 3.49
O4 MAN E . 6.55 4.40 3.42
O5 MAN E . 4.72 5.70 6.31
O6 MAN E . 6.15 3.44 6.88
C1 NAG F . 9.07 39.39 -6.23
C2 NAG F . 10.41 39.04 -5.55
C3 NAG F . 10.91 40.23 -4.75
C4 NAG F . 10.96 41.50 -5.60
C5 NAG F . 9.61 41.72 -6.26
C6 NAG F . 9.60 42.90 -7.23
C7 NAG F . 10.54 36.63 -5.12
C8 NAG F . 10.36 35.55 -4.10
N2 NAG F . 10.27 37.87 -4.71
O3 NAG F . 12.22 39.94 -4.26
O4 NAG F . 11.22 42.62 -4.76
O5 NAG F . 9.23 40.57 -7.02
O6 NAG F . 10.64 42.77 -8.20
O7 NAG F . 10.91 36.39 -6.27
C1 NAG F . 12.55 43.13 -4.93
C2 NAG F . 12.53 44.62 -4.59
C3 NAG F . 13.94 45.21 -4.63
C4 NAG F . 14.89 44.39 -3.77
C5 NAG F . 14.83 42.92 -4.19
C6 NAG F . 15.66 42.02 -3.32
C7 NAG F . 10.40 45.73 -5.14
C8 NAG F . 9.95 45.35 -3.76
N2 NAG F . 11.64 45.36 -5.48
O3 NAG F . 13.90 46.56 -4.17
O4 NAG F . 16.22 44.87 -3.92
O5 NAG F . 13.47 42.45 -4.08
O6 NAG F . 15.14 41.92 -2.00
O7 NAG F . 9.68 46.35 -5.91
C1 BMA F . 16.74 45.28 -2.65
C2 BMA F . 18.27 45.18 -2.71
C3 BMA F . 18.85 45.57 -1.37
C4 BMA F . 18.31 46.93 -0.88
C5 BMA F . 16.76 47.01 -0.98
C6 BMA F . 16.23 48.41 -0.74
O2 BMA F . 18.79 46.10 -3.67
O3 BMA F . 20.27 45.60 -1.41
O4 BMA F . 18.70 47.14 0.47
O5 BMA F . 16.35 46.60 -2.30
O6 BMA F . 17.24 49.16 -0.08
C1 MAN F . 17.18 50.56 -0.46
C2 MAN F . 17.63 50.69 -1.93
C3 MAN F . 19.13 50.33 -2.05
C4 MAN F . 19.97 51.12 -1.02
C5 MAN F . 19.39 50.92 0.39
C6 MAN F . 20.11 51.74 1.46
O2 MAN F . 17.53 52.04 -2.40
O3 MAN F . 19.62 50.56 -3.36
O4 MAN F . 21.30 50.65 -1.04
O5 MAN F . 18.01 51.31 0.40
O6 MAN F . 20.70 52.87 0.83
C1 NAG G . -9.35 37.45 -6.85
C2 NAG G . -8.75 37.07 -5.51
C3 NAG G . -9.16 35.65 -5.13
C4 NAG G . -10.67 35.47 -5.24
C5 NAG G . -11.19 35.99 -6.57
C6 NAG G . -12.71 36.01 -6.64
C7 NAG G . -6.64 38.31 -5.25
C8 NAG G . -5.15 38.24 -5.36
N2 NAG G . -7.30 37.19 -5.55
O3 NAG G . -8.75 35.41 -3.79
O4 NAG G . -10.95 34.07 -5.19
O5 NAG G . -10.76 37.32 -6.79
O6 NAG G . -13.27 36.60 -5.48
O7 NAG G . -7.22 39.34 -4.91
C1 NAG G . -11.60 33.70 -3.97
C2 NAG G . -12.01 32.23 -4.09
C3 NAG G . -12.67 31.76 -2.80
C4 NAG G . -11.80 32.09 -1.59
C5 NAG G . -11.37 33.55 -1.60
C6 NAG G . -10.37 33.88 -0.52
C7 NAG G . -12.45 31.75 -6.46
C8 NAG G . -13.50 31.56 -7.51
N2 NAG G . -12.90 32.02 -5.23
O3 NAG G . -12.89 30.36 -2.88
O4 NAG G . -12.56 31.87 -0.40
O5 NAG G . -10.74 33.87 -2.85
O6 NAG G . -9.11 33.29 -0.79
O7 NAG G . -11.25 31.66 -6.71
C1 BMA G . -12.35 30.58 0.19
C2 BMA G . -12.46 30.76 1.70
C3 BMA G . -12.39 29.42 2.41
C4 BMA G . -13.36 28.40 1.80
C5 BMA G . -13.17 28.34 0.31
C6 BMA G . -14.18 27.42 -0.32
O2 BMA G . -13.71 31.32 2.03
O3 BMA G . -12.72 29.61 3.75
O4 BMA G . -13.11 27.11 2.35
O5 BMA G . -13.31 29.66 -0.26
O6 BMA G . -14.37 27.86 -1.63
C1 MAN G . -11.77 28.97 4.61
C2 MAN G . -12.57 28.64 5.88
C3 MAN G . -12.91 29.87 6.72
C4 MAN G . -11.74 30.86 6.84
C5 MAN G . -10.93 31.08 5.53
C6 MAN G . -9.63 31.82 5.80
O2 MAN G . -11.83 27.76 6.75
O3 MAN G . -13.39 29.52 8.02
O4 MAN G . -12.26 32.13 7.22
O5 MAN G . -10.68 29.86 4.75
O6 MAN G . -8.86 31.01 6.67
C1 MAN G . -12.61 26.57 6.98
C2 MAN G . -11.90 25.81 8.12
C3 MAN G . -10.58 25.22 7.61
C4 MAN G . -10.79 24.39 6.35
C5 MAN G . -11.48 25.23 5.26
C6 MAN G . -11.82 24.43 4.02
O2 MAN G . -12.68 24.70 8.56
O3 MAN G . -9.94 24.45 8.62
O4 MAN G . -9.55 23.91 5.86
O5 MAN G . -12.72 25.77 5.78
O6 MAN G . -12.71 23.38 4.39
C1 MAN G . -13.01 24.89 9.96
C2 MAN G . -13.50 23.51 10.48
C3 MAN G . -14.88 23.19 9.91
C4 MAN G . -15.85 24.34 10.14
C5 MAN G . -15.28 25.62 9.51
C6 MAN G . -16.16 26.83 9.74
O2 MAN G . -13.64 23.53 11.91
O3 MAN G . -15.40 21.98 10.46
O4 MAN G . -17.11 24.04 9.54
O5 MAN G . -13.99 25.90 10.11
O6 MAN G . -15.59 27.93 9.03
C1 MAN G . -15.67 27.42 -2.06
C2 MAN G . -15.34 26.72 -3.38
C3 MAN G . -14.87 27.79 -4.33
C4 MAN G . -15.95 28.87 -4.47
C5 MAN G . -16.22 29.57 -3.12
C6 MAN G . -17.52 30.32 -3.11
O2 MAN G . -16.52 26.18 -3.98
O3 MAN G . -14.54 27.27 -5.62
O4 MAN G . -15.55 29.84 -5.43
O5 MAN G . -16.51 28.55 -2.16
O6 MAN G . -18.24 29.83 -4.22
C1 MAN G . -13.32 26.48 -5.53
C2 MAN G . -12.19 27.27 -4.74
C3 MAN G . -11.56 28.37 -5.59
C4 MAN G . -11.21 27.87 -6.98
C5 MAN G . -12.45 27.26 -7.64
C6 MAN G . -12.19 26.74 -9.04
O2 MAN G . -11.12 26.40 -4.36
O3 MAN G . -10.40 28.92 -4.95
O4 MAN G . -10.75 28.96 -7.78
O5 MAN G . -12.88 26.15 -6.84
O6 MAN G . -10.92 26.11 -9.06
C1 MAN G . -19.11 30.81 -4.81
C2 MAN G . -20.55 30.31 -4.62
C3 MAN G . -20.78 29.00 -5.39
C4 MAN G . -20.16 29.03 -6.81
C5 MAN G . -18.73 29.57 -6.74
C6 MAN G . -18.04 29.69 -8.09
O2 MAN G . -21.50 31.25 -5.13
O3 MAN G . -22.17 28.68 -5.48
O4 MAN G . -20.16 27.73 -7.37
O5 MAN G . -18.76 30.87 -6.14
O6 MAN G . -16.65 29.94 -7.86
C1 NAG H . 18.91 18.35 -5.13
C2 NAG H . 19.02 19.58 -4.24
C3 NAG H . 18.84 20.85 -5.08
C4 NAG H . 19.75 20.84 -6.30
C5 NAG H . 19.64 19.53 -7.06
C6 NAG H . 20.64 19.41 -8.18
C7 NAG H . 18.34 19.31 -1.90
C8 NAG H . 17.20 19.29 -0.93
N2 NAG H . 18.03 19.53 -3.17
O3 NAG H . 19.15 21.97 -4.26
O4 NAG H . 19.33 21.89 -7.18
O5 NAG H . 19.86 18.43 -6.18
O6 NAG H . 21.98 19.60 -7.71
O7 NAG H . 19.50 19.14 -1.53
C1 NAG H . 20.29 22.95 -7.22
C2 NAG H . 19.85 23.94 -8.30
C3 NAG H . 20.82 25.11 -8.38
C4 NAG H . 21.02 25.75 -7.01
C5 NAG H . 21.36 24.69 -5.97
C6 NAG H . 21.38 25.23 -4.56
C7 NAG H . 20.68 22.71 -10.29
C8 NAG H . 20.30 22.11 -11.60
N2 NAG H . 19.69 23.30 -9.60
O3 NAG H . 20.34 26.07 -9.31
O4 NAG H . 22.07 26.69 -7.08
O5 NAG H . 20.39 23.63 -5.97
O6 NAG H . 20.13 25.08 -3.92
O7 NAG H . 21.83 22.67 -9.86
C1 BMA H . 21.58 28.03 -6.81
C2 BMA H . 22.74 28.80 -6.13
C3 BMA H . 22.32 30.26 -5.91
C4 BMA H . 21.79 30.87 -7.20
C5 BMA H . 20.65 30.02 -7.79
C6 BMA H . 20.20 30.56 -9.12
O2 BMA H . 23.87 28.83 -6.98
O3 BMA H . 23.40 31.03 -5.41
O4 BMA H . 21.31 32.19 -6.97
O5 BMA H . 21.14 28.67 -7.99
O6 BMA H . 21.38 30.98 -9.77
C1 MAN H . 21.08 31.55 -11.05
C2 MAN H . 21.40 30.45 -12.05
C3 MAN H . 22.90 30.11 -11.98
C4 MAN H . 23.77 31.42 -12.08
C5 MAN H . 23.27 32.45 -11.05
C6 MAN H . 23.98 33.79 -11.12
O2 MAN H . 21.17 30.89 -13.39
O3 MAN H . 23.15 29.06 -12.95
O4 MAN H . 25.14 31.17 -11.82
O5 MAN H . 21.88 32.68 -11.27
O6 MAN H . 22.99 34.81 -11.03
C1 MAN H . 24.41 28.87 -13.65
C2 MAN H . 24.27 27.39 -14.22
C3 MAN H . 25.32 26.34 -13.73
C4 MAN H . 26.25 26.74 -12.53
C5 MAN H . 25.96 28.11 -11.89
C6 MAN H . 27.18 28.66 -11.19
O2 MAN H . 24.19 27.24 -15.67
O3 MAN H . 26.12 25.88 -14.82
O4 MAN H . 26.18 25.74 -11.53
O5 MAN H . 25.60 29.09 -12.88
O6 MAN H . 26.82 29.83 -10.47
C1 MAN H . 24.26 28.46 -16.44
C2 MAN H . 22.79 28.95 -16.69
C3 MAN H . 22.28 28.55 -18.05
C4 MAN H . 23.23 29.02 -19.13
C5 MAN H . 24.59 28.31 -18.99
C6 MAN H . 25.68 29.00 -19.75
O2 MAN H . 22.69 30.38 -16.64
O3 MAN H . 21.00 29.09 -18.29
O4 MAN H . 22.69 28.71 -20.40
O5 MAN H . 25.07 28.19 -17.60
O6 MAN H . 25.73 30.36 -19.31
C1 NAG I . 14.90 10.33 12.89
C2 NAG I . 13.93 11.49 13.03
C3 NAG I . 13.55 11.67 14.49
C4 NAG I . 13.03 10.35 15.08
C5 NAG I . 14.00 9.21 14.79
C6 NAG I . 13.46 7.86 15.19
C7 NAG I . 14.00 13.36 11.44
C8 NAG I . 14.71 14.62 11.04
N2 NAG I . 14.50 12.72 12.50
O3 NAG I . 12.55 12.68 14.60
O4 NAG I . 12.91 10.47 16.49
O5 NAG I . 14.30 9.15 13.39
O6 NAG I . 14.33 6.81 14.78
O7 NAG I . 13.02 12.94 10.83
C1 NAG I . 11.54 10.73 16.86
C2 NAG I . 11.29 10.12 18.24
C3 NAG I . 9.88 10.43 18.72
C4 NAG I . 9.59 11.93 18.63
C5 NAG I . 9.91 12.45 17.24
C6 NAG I . 9.77 13.95 17.12
C7 NAG I . 12.53 8.11 18.88
C8 NAG I . 12.62 6.61 18.76
N2 NAG I . 11.52 8.69 18.23
O3 NAG I . 9.72 9.98 20.05
O4 NAG I . 8.23 12.17 18.92
O5 NAG I . 11.27 12.13 16.90
O6 NAG I . 10.21 14.41 15.84
O7 NAG I . 13.34 8.75 19.54
C1 BMA I . 8.09 12.77 20.23
C2 BMA I . 6.76 13.54 20.25
C3 BMA I . 6.47 14.07 21.66
C4 BMA I . 6.67 12.98 22.74
C5 BMA I . 8.05 12.29 22.57
C6 BMA I . 8.25 11.13 23.54
O2 BMA I . 5.69 12.67 19.91
O3 BMA I . 5.14 14.58 21.75
O4 BMA I . 6.58 13.54 24.03
O5 BMA I . 8.14 11.77 21.24
O6 BMA I . 7.02 10.40 23.61
C1 MAN I . 5.10 15.98 21.34
C2 MAN I . 3.91 16.63 22.06
C3 MAN I . 2.60 16.04 21.53
C4 MAN I . 2.53 16.14 19.99
C5 MAN I . 3.78 15.49 19.37
C6 MAN I . 3.87 15.66 17.87
O2 MAN I . 3.83 18.04 21.79
O3 MAN I . 1.45 16.68 22.10
O4 MAN I . 1.39 15.47 19.51
O5 MAN I . 4.97 16.10 19.93
O6 MAN I . 5.04 15.01 17.39
C1 MAN I . 7.15 9.33 24.58
C2 MAN I . 5.95 8.37 24.38
C3 MAN I . 4.65 9.07 24.81
C4 MAN I . 4.79 9.68 26.22
C5 MAN I . 6.03 10.60 26.29
C6 MAN I . 6.30 11.16 27.67
O2 MAN I . 6.06 7.22 25.21
O3 MAN I . 3.54 8.19 24.76
O4 MAN I . 3.62 10.45 26.53
O5 MAN I . 7.19 9.84 25.90
O6 MAN I . 5.73 10.28 28.65
C1 NAG J . 33.29 11.71 12.61
C2 NAG J . 32.52 13.00 12.87
C3 NAG J . 32.88 14.04 11.83
C4 NAG J . 34.39 14.23 11.74
C5 NAG J . 35.10 12.89 11.59
C6 NAG J . 36.60 12.99 11.68
C7 NAG J . 30.39 12.56 14.01
C8 NAG J . 28.93 12.32 13.83
N2 NAG J . 31.09 12.75 12.88
O3 NAG J . 32.27 15.28 12.21
O4 NAG J . 34.71 15.03 10.59
O5 NAG J . 34.69 11.99 12.63
O6 NAG J . 37.22 11.72 11.69
O7 NAG J . 30.92 12.58 15.11
C1 NAG J . 34.91 16.41 10.95
C2 NAG J . 35.40 17.16 9.72
C3 NAG J . 35.54 18.65 10.03
C4 NAG J . 34.27 19.21 10.66
C5 NAG J . 33.83 18.34 11.84
C6 NAG J . 32.50 18.73 12.44
C7 NAG J . 36.78 15.50 8.53
C8 NAG J . 38.17 15.11 8.15
N2 NAG J . 36.67 16.63 9.25
O3 NAG J . 35.83 19.36 8.83
O4 NAG J . 34.60 20.50 11.15
O5 NAG J . 33.71 16.98 11.41
O6 NAG J . 31.44 18.53 11.52
O7 NAG J . 35.80 14.83 8.22
C1 BMA J . 33.59 21.50 10.89
C2 BMA J . 33.91 22.50 11.97
C3 BMA J . 33.05 23.72 11.85
C4 BMA J . 33.07 24.25 10.35
C5 BMA J . 32.74 23.12 9.38
C6 BMA J . 32.81 23.54 7.93
O2 BMA J . 35.26 22.96 11.82
O3 BMA J . 33.60 24.63 12.85
O4 BMA J . 32.10 25.29 10.11
O5 BMA J . 33.68 22.06 9.59
O6 BMA J . 31.69 22.99 7.26
C1 MAN J . 33.26 26.01 12.63
C2 MAN J . 33.85 26.89 13.76
C3 MAN J . 33.53 28.35 13.41
C4 MAN J . 32.22 28.46 12.57
C5 MAN J . 31.26 27.37 13.03
C6 MAN J . 29.90 27.40 12.37
O2 MAN J . 35.28 26.77 13.85
O3 MAN J . 34.61 28.95 12.70
O4 MAN J . 31.64 29.75 12.64
O5 MAN J . 31.82 26.14 12.56
O6 MAN J . 29.83 26.34 11.42
C1 NAG K . -19.03 -12.74 14.56
C2 NAG K . -19.12 -12.53 16.07
C3 NAG K . -18.97 -13.86 16.79
C4 NAG K . -19.93 -14.91 16.23
C5 NAG K . -19.83 -14.97 14.70
C6 NAG K . -20.88 -15.86 14.08
C7 NAG K . -18.38 -10.38 17.01
C8 NAG K . -17.21 -9.55 17.43
N2 NAG K . -18.10 -11.60 16.52
O3 NAG K . -19.22 -13.68 18.19
O4 NAG K . -19.59 -16.19 16.74
O5 NAG K . -20.02 -13.66 14.15
O6 NAG K . -20.57 -16.12 12.71
O7 NAG K . -19.54 -9.97 17.10
C1 NAG K . -20.53 -16.61 17.75
C2 NAG K . -20.45 -18.12 17.89
C3 NAG K . -21.39 -18.60 18.98
C4 NAG K . -21.15 -17.84 20.28
C5 NAG K . -21.15 -16.33 20.04
C6 NAG K . -20.74 -15.55 21.27
C7 NAG K . -19.84 -19.46 15.92
C8 NAG K . -20.32 -20.08 14.65
N2 NAG K . -20.75 -18.78 16.62
O3 NAG K . -21.21 -19.99 19.18
O4 NAG K . -22.17 -18.15 21.22
O5 NAG K . -20.23 -15.99 19.00
O6 NAG K . -20.53 -14.18 20.96
O7 NAG K . -18.68 -19.58 16.30
C1 BMA K . -21.63 -18.98 22.27
C2 BMA K . -22.67 -18.99 23.41
C3 BMA K . -22.26 -19.99 24.47
C4 BMA K . -21.97 -21.36 23.84
C5 BMA K . -20.91 -21.22 22.73
C6 BMA K . -20.68 -22.51 21.98
O2 BMA K . -23.94 -19.40 22.93
O3 BMA K . -23.24 -20.12 25.48
O4 BMA K . -21.50 -22.27 24.83
O5 BMA K . -21.40 -20.28 21.77
O6 BMA K . -21.95 -23.12 21.76
C1 MAN K . -21.76 -24.52 21.49
C2 MAN K . -22.73 -24.91 20.36
C3 MAN K . -24.19 -24.73 20.83
C4 MAN K . -24.42 -25.46 22.19
C5 MAN K . -23.34 -25.02 23.20
C6 MAN K . -23.39 -25.77 24.52
O2 MAN K . -22.57 -26.30 20.03
O3 MAN K . -25.17 -25.15 19.85
O4 MAN K . -25.70 -25.14 22.70
O5 MAN K . -22.04 -25.27 22.64
O6 MAN K . -22.28 -25.34 25.31
C1 MAN K . -24.78 -24.71 18.52
C2 MAN K . -26.00 -24.04 17.82
C3 MAN K . -26.17 -24.59 16.40
C4 MAN K . -24.84 -24.56 15.68
C5 MAN K . -23.93 -25.61 16.37
C6 MAN K . -22.43 -25.38 16.20
O2 MAN K . -25.82 -22.62 17.67
O3 MAN K . -27.20 -23.91 15.66
O4 MAN K . -25.02 -24.95 14.33
O5 MAN K . -24.26 -25.82 17.78
O6 MAN K . -22.18 -25.12 14.82
C1 MAN K . -21.37 -26.45 25.53
C2 MAN K . -20.80 -26.26 26.97
C3 MAN K . -19.64 -25.27 27.06
C4 MAN K . -18.65 -25.29 25.85
C5 MAN K . -19.39 -25.41 24.52
C6 MAN K . -18.48 -25.81 23.37
O2 MAN K . -20.29 -27.50 27.47
O3 MAN K . -18.91 -25.42 28.28
O4 MAN K . -17.89 -24.09 25.85
O5 MAN K . -20.36 -26.48 24.56
O6 MAN K . -19.08 -26.92 22.69
C1 NAG L . -15.28 6.86 16.20
C2 NAG L . -14.39 6.46 17.39
C3 NAG L . -13.97 7.70 18.17
C4 NAG L . -13.36 8.75 17.25
C5 NAG L . -14.29 9.03 16.06
C6 NAG L . -13.67 9.96 15.04
C7 NAG L . -14.57 4.34 18.62
C8 NAG L . -15.40 3.50 19.53
N2 NAG L . -15.07 5.52 18.26
O3 NAG L . -13.02 7.33 19.17
O4 NAG L . -13.19 9.96 17.97
O5 NAG L . -14.59 7.80 15.39
O6 NAG L . -14.60 10.26 14.01
O7 NAG L . -13.47 3.95 18.21
C1 NAG L . -11.80 10.24 18.20
C2 NAG L . -11.61 11.75 18.18
C3 NAG L . -10.17 12.12 18.50
C4 NAG L . -9.71 11.45 19.79
C5 NAG L . -9.97 9.95 19.72
C6 NAG L . -9.66 9.24 21.02
C7 NAG L . -12.79 13.40 16.77
C8 NAG L . -13.23 14.03 18.05
N2 NAG L . -12.02 12.31 16.89
O3 NAG L . -10.06 13.53 18.62
O4 NAG L . -8.32 11.68 19.98
O5 NAG L . -11.36 9.72 19.44
O6 NAG L . -10.37 9.80 22.11
O7 NAG L . -13.10 13.83 15.67
C1 BMA L . -8.10 12.53 21.13
C2 BMA L . -6.79 12.04 21.75
C3 BMA L . -6.30 12.97 22.86
C4 BMA L . -6.39 14.46 22.47
C5 BMA L . -7.76 14.81 21.82
C6 BMA L . -7.80 16.22 21.22
O2 BMA L . -5.75 12.02 20.77
O3 BMA L . -4.94 12.68 23.18
O4 BMA L . -6.19 15.27 23.62
O5 BMA L . -8.01 13.89 20.74
O6 BMA L . -7.24 17.18 22.13
C1 MAN L . -4.83 12.02 24.46
C2 MAN L . -3.33 12.12 24.87
C3 MAN L . -2.48 11.27 23.93
C4 MAN L . -3.02 9.83 23.82
C5 MAN L . -4.51 9.86 23.43
C6 MAN L . -5.16 8.49 23.41
O2 MAN L . -3.11 11.61 26.18
O3 MAN L . -1.11 11.24 24.34
O4 MAN L . -2.31 9.11 22.83
O5 MAN L . -5.24 10.67 24.40
O6 MAN L . -4.43 7.64 24.29
C1 MAN L . -6.04 17.77 21.55
C2 MAN L . -6.12 19.32 21.69
C3 MAN L . -5.02 20.00 20.86
C4 MAN L . -3.99 18.97 20.34
C5 MAN L . -4.70 17.89 19.49
C6 MAN L . -3.81 16.72 19.14
O2 MAN L . -5.90 19.74 23.04
O3 MAN L . -4.37 21.04 21.58
O4 MAN L . -3.00 19.61 19.56
O5 MAN L . -5.89 17.39 20.18
O6 MAN L . -3.00 16.41 20.28
C1 NAG M . -33.68 5.87 16.80
C2 NAG M . -32.95 5.52 18.08
C3 NAG M . -33.26 4.07 18.48
C4 NAG M . -34.76 3.83 18.52
C5 NAG M . -35.44 4.34 17.25
C6 NAG M . -36.95 4.30 17.34
C7 NAG M . -30.89 6.84 18.26
C8 NAG M . -29.41 6.87 18.03
N2 NAG M . -31.51 5.71 17.93
O3 NAG M . -32.69 3.83 19.75
O4 NAG M . -35.00 2.43 18.60
O5 NAG M . -35.08 5.70 17.00
O6 NAG M . -37.55 5.04 16.28
O7 NAG M . -31.50 7.80 18.73
C1 NAG M . -35.29 1.97 19.93
C2 NAG M . -35.77 0.51 19.82
C3 NAG M . -36.05 -0.06 21.20
C4 NAG M . -34.86 0.13 22.13
C5 NAG M . -34.40 1.60 22.11
C6 NAG M . -33.13 1.84 22.88
C7 NAG M . -36.93 0.26 17.66
C8 NAG M . -38.25 0.21 16.96
N2 NAG M . -36.97 0.44 18.98
O3 NAG M . -36.34 -1.45 21.08
O4 NAG M . -35.28 -0.20 23.45
O5 NAG M . -34.15 2.01 20.77
O6 NAG M . -31.98 1.54 22.10
O7 NAG M . -35.87 0.16 17.05
C1 BMA M . -34.36 -1.03 24.19
C2 BMA M . -34.84 -0.94 25.64
C3 BMA M . -34.01 -1.80 26.54
C4 BMA M . -33.86 -3.24 25.96
C5 BMA M . -33.40 -3.20 24.48
C6 BMA M . -33.34 -4.57 23.83
O2 BMA M . -36.17 -1.46 25.74
O3 BMA M . -34.63 -1.81 27.84
O4 BMA M . -32.92 -3.98 26.71
O5 BMA M . -34.33 -2.38 23.74
O6 BMA M . -34.61 -4.86 23.26
C1 MAN M . -34.41 -0.63 28.63
C2 MAN M . -32.91 -0.74 28.84
C3 MAN M . -32.44 -1.18 30.23
C4 MAN M . -33.49 -1.12 31.31
C5 MAN M . -34.88 -1.49 30.87
C6 MAN M . -35.90 -1.20 31.98
O2 MAN M . -32.43 0.65 28.85
O3 MAN M . -31.36 -0.36 30.66
O4 MAN M . -33.10 -2.06 32.33
O5 MAN M . -35.31 -0.80 29.67
O6 MAN M . -36.99 -2.08 31.87
C1 NAG N . -6.86 -14.92 15.03
C2 NAG N . -6.62 -13.78 16.02
C3 NAG N . -6.77 -12.43 15.32
C4 NAG N . -5.93 -12.38 14.05
C5 NAG N . -6.17 -13.61 13.18
C6 NAG N . -5.23 -13.68 12.00
C7 NAG N . -7.15 -14.18 18.39
C8 NAG N . -8.23 -14.22 19.43
N2 NAG N . -7.53 -13.86 17.15
O3 NAG N . -6.35 -11.41 16.22
O4 NAG N . -6.31 -11.23 13.28
O5 NAG N . -5.96 -14.80 13.94
O6 NAG N . -5.64 -14.68 11.07
O7 NAG N . -5.97 -14.41 18.66
C1 NAG N . -5.39 -10.13 13.48
C2 NAG N . -5.56 -9.18 12.30
C3 NAG N . -4.68 -7.95 12.49
C4 NAG N . -4.94 -7.30 13.83
C5 NAG N . -4.79 -8.34 14.95
C6 NAG N . -5.15 -7.81 16.31
C7 NAG N . -6.15 -9.96 10.04
C8 NAG N . -7.49 -9.36 10.28
N2 NAG N . -5.26 -9.84 11.04
O3 NAG N . -4.92 -7.02 11.44
O4 NAG N . -4.03 -6.24 14.07
O5 NAG N . -5.67 -9.45 14.69
O6 NAG N . -5.40 -8.87 17.22
O7 NAG N . -5.86 -10.53 8.99
C1 BMA N . -4.71 -4.98 13.95
C2 BMA N . -4.01 -3.96 14.88
C3 BMA N . -4.56 -2.56 14.66
C4 BMA N . -4.56 -2.19 13.17
C5 BMA N . -5.29 -3.26 12.34
C6 BMA N . -5.10 -3.03 10.87
O2 BMA N . -2.62 -3.91 14.60
O3 BMA N . -3.82 -1.59 15.40
O4 BMA N . -5.19 -0.93 12.98
O5 BMA N . -4.68 -4.54 12.61
O6 BMA N . -3.73 -3.22 10.64
C1 MAN N . -3.39 -3.23 9.25
C2 MAN N . -2.19 -4.13 9.16
C3 MAN N . -1.16 -3.52 10.13
C4 MAN N . -0.75 -2.12 9.62
C5 MAN N . -2.03 -1.25 9.60
C6 MAN N . -1.84 0.12 8.99
O2 MAN N . -1.64 -4.04 7.85
O3 MAN N . -0.04 -4.36 10.51
O4 MAN N . 0.19 -1.55 10.51
O5 MAN N . -3.08 -1.94 8.83
O6 MAN N . -2.54 1.07 9.82
C1 MAN N . 0.86 -4.69 9.44
C2 MAN N . 0.80 -6.25 9.28
C3 MAN N . 1.63 -6.98 10.35
C4 MAN N . 3.00 -6.30 10.57
C5 MAN N . 2.79 -4.83 10.88
C6 MAN N . 4.09 -4.08 11.14
O2 MAN N . 1.31 -6.66 8.01
O3 MAN N . 1.81 -8.35 10.03
O4 MAN N . 3.67 -6.92 11.66
O5 MAN N . 2.16 -4.22 9.73
O6 MAN N . 3.82 -3.06 12.11
C1 MAN N . 0.26 -6.49 7.05
C2 MAN N . -0.81 -7.61 7.29
C3 MAN N . -0.35 -8.97 6.73
C4 MAN N . 0.30 -8.83 5.34
C5 MAN N . 1.41 -7.79 5.41
C6 MAN N . 2.11 -7.58 4.10
O2 MAN N . -2.05 -7.31 6.66
O3 MAN N . -1.44 -9.90 6.66
O4 MAN N . 0.84 -10.08 4.93
O5 MAN N . 0.80 -6.54 5.74
O6 MAN N . 1.45 -6.52 3.40
C1 MAN N . -3.81 1.43 9.21
C2 MAN N . -4.90 1.26 10.31
C3 MAN N . -6.02 0.36 9.78
C4 MAN N . -6.52 0.84 8.42
C5 MAN N . -5.36 0.87 7.40
C6 MAN N . -5.25 2.18 6.64
O2 MAN N . -5.51 2.51 10.62
O3 MAN N . -7.10 0.30 10.71
O4 MAN N . -7.53 -0.03 7.95
O5 MAN N . -4.08 0.63 8.06
O6 MAN N . -5.89 3.19 7.41
C1 NAG O . -9.38 -24.81 32.84
C2 NAG O . -10.51 -23.79 32.87
C3 NAG O . -10.96 -23.57 34.32
C4 NAG O . -11.32 -24.90 34.98
C5 NAG O . -10.17 -25.89 34.83
C6 NAG O . -10.52 -27.27 35.32
C7 NAG O . -10.57 -22.10 31.09
C8 NAG O . -11.54 -23.01 30.39
N2 NAG O . -10.10 -22.53 32.28
O3 NAG O . -12.09 -22.70 34.32
O4 NAG O . -11.59 -24.69 36.36
O5 NAG O . -9.81 -26.03 33.45
O6 NAG O . -11.90 -27.57 35.13
O7 NAG O . -10.21 -21.03 30.61
C1 NAG O . -13.00 -24.72 36.60
C2 NAG O . -13.25 -25.17 38.04
C3 NAG O . -14.75 -25.16 38.35
C4 NAG O . -15.37 -23.81 38.00
C5 NAG O . -15.01 -23.40 36.57
C6 NAG O . -15.46 -22.01 36.22
C7 NAG O . -11.41 -26.68 38.63
C8 NAG O . -11.00 -28.11 38.83
N2 NAG O . -12.68 -26.49 38.28
O3 NAG O . -14.94 -25.44 39.73
O4 NAG O . -16.78 -23.90 38.10
O5 NAG O . -13.59 -23.43 36.39
O6 NAG O . -14.46 -21.05 36.52
O7 NAG O . -10.63 -25.75 38.78
C1 BMA O . -17.27 -23.08 39.18
C2 BMA O . -18.71 -22.65 38.82
C3 BMA O . -19.38 -21.96 40.02
C4 BMA O . -19.22 -22.78 41.31
C5 BMA O . -17.74 -23.07 41.55
C6 BMA O . -17.51 -23.94 42.77
O2 BMA O . -19.51 -23.78 38.51
O3 BMA O . -20.77 -21.71 39.77
O4 BMA O . -19.75 -22.06 42.41
O5 BMA O . -17.22 -23.79 40.41
O6 BMA O . -17.55 -25.31 42.36
C1 MAN O . -18.42 -26.15 43.18
C2 MAN O . -19.29 -25.28 44.16
C3 MAN O . -19.29 -25.92 45.54
C4 MAN O . -19.51 -27.43 45.43
C5 MAN O . -18.36 -28.09 44.64
C6 MAN O . -18.81 -29.15 43.64
O2 MAN O . -20.65 -25.25 43.75
O3 MAN O . -20.26 -25.33 46.39
O4 MAN O . -19.60 -28.01 46.72
O5 MAN O . -17.62 -27.08 43.90
O6 MAN O . -19.94 -29.82 44.19
C1 NAG P . 9.13 -23.36 31.11
C2 NAG P . 8.43 -22.03 31.29
C3 NAG P . 8.81 -21.07 30.17
C4 NAG P . 10.32 -21.01 29.97
C5 NAG P . 10.95 -22.40 29.96
C6 NAG P . 12.46 -22.38 29.98
C7 NAG P . 6.21 -21.94 32.38
C8 NAG P . 6.92 -21.34 33.56
N2 NAG P . 6.99 -22.23 31.32
O3 NAG P . 8.33 -19.77 30.51
O4 NAG P . 10.57 -20.44 28.69
O5 NAG P . 10.53 -23.15 31.10
O6 NAG P . 12.95 -21.45 30.93
O7 NAG P . 5.00 -22.12 32.37
C1 NAG P . 11.13 -19.11 28.81
C2 NAG P . 11.53 -18.66 27.40
C3 NAG P . 12.14 -17.27 27.46
C4 NAG P . 11.20 -16.30 28.16
C5 NAG P . 10.72 -16.86 29.51
C6 NAG P . 9.63 -16.03 30.13
C7 NAG P . 12.05 -20.54 25.92
C8 NAG P . 13.13 -21.43 25.37
N2 NAG P . 12.44 -19.60 26.79
O3 NAG P . 12.41 -16.83 26.14
O4 NAG P . 11.88 -15.08 28.42
O5 NAG P . 10.20 -18.18 29.35
O6 NAG P . 10.03 -14.68 30.33
O7 NAG P . 10.88 -20.67 25.58
C1 BMA P . 11.63 -14.10 27.39
C2 BMA P . 11.53 -12.73 28.09
C3 BMA P . 11.51 -11.58 27.07
C4 BMA P . 12.61 -11.76 25.99
C5 BMA P . 12.52 -13.16 25.38
C6 BMA P . 13.61 -13.40 24.34
O2 BMA P . 12.65 -12.51 28.93
O3 BMA P . 11.70 -10.32 27.71
O4 BMA P . 12.45 -10.77 24.98
O5 BMA P . 12.67 -14.12 26.43
O6 BMA P . 13.98 -14.77 24.40
C1 MAN P . 10.48 -9.89 28.35
C2 MAN P . 10.39 -8.37 28.14
C3 MAN P . 11.53 -7.70 28.89
C4 MAN P . 11.56 -8.14 30.37
C5 MAN P . 11.60 -9.68 30.46
C6 MAN P . 11.51 -10.21 31.88
O2 MAN P . 9.19 -7.84 28.72
O3 MAN P . 11.47 -6.28 28.79
O4 MAN P . 12.71 -7.60 31.01
O5 MAN P . 10.48 -10.22 29.71
O6 MAN P . 11.26 -9.11 32.76
C1 CLR Q . 3.42 26.35 -25.82
C2 CLR Q . 4.22 25.10 -26.15
C3 CLR Q . 4.53 24.31 -24.89
C4 CLR Q . 3.23 23.94 -24.18
C5 CLR Q . 2.35 25.14 -23.94
C6 CLR Q . 1.85 25.37 -22.74
C7 CLR Q . 0.88 26.47 -22.40
C8 CLR Q . 0.30 27.14 -23.64
C9 CLR Q . 1.41 27.36 -24.69
C10 CLR Q . 2.07 26.02 -25.15
C11 CLR Q . 0.92 28.20 -25.87
C12 CLR Q . 0.24 29.51 -25.45
C13 CLR Q . -0.92 29.27 -24.47
C14 CLR Q . -0.31 28.50 -23.28
C15 CLR Q . -1.40 28.58 -22.19
C16 CLR Q . -2.13 29.90 -22.47
C17 CLR Q . -1.48 30.50 -23.73
C18 CLR Q . -2.04 28.45 -25.16
C19 CLR Q . 1.18 25.24 -26.13
C20 CLR Q . -2.46 31.44 -24.47
C21 CLR Q . -1.76 32.37 -25.46
C22 CLR Q . -3.22 32.27 -23.42
C23 CLR Q . -4.66 32.62 -23.77
C24 CLR Q . -5.52 31.39 -24.01
C25 CLR Q . -6.98 31.66 -24.39
C26 CLR Q . -7.19 33.07 -24.90
C27 CLR Q . -7.89 31.37 -23.22
O1 CLR Q . 5.26 23.13 -25.20
ZN ZN R . 12.00 38.48 -20.69
S SO4 S . -9.17 8.38 -28.27
O1 SO4 S . -9.09 6.95 -28.52
O2 SO4 S . -8.12 9.07 -29.03
O3 SO4 S . -10.47 8.87 -28.71
O4 SO4 S . -9.00 8.65 -26.85
C1 MPD T . 6.67 29.75 -40.76
C2 MPD T . 6.45 28.33 -41.25
O2 MPD T . 6.04 28.41 -42.63
CM MPD T . 5.31 27.67 -40.48
C3 MPD T . 7.72 27.52 -41.16
C4 MPD T . 8.36 27.43 -39.78
O4 MPD T . 7.79 26.36 -39.03
C5 MPD T . 9.85 27.23 -39.89
C1 PEG U . -13.61 36.30 -12.11
O1 PEG U . -12.93 37.49 -11.76
C2 PEG U . -13.47 36.00 -13.56
O2 PEG U . -13.27 34.60 -13.75
C3 PEG U . -11.99 34.29 -14.27
C4 PEG U . -11.91 32.81 -14.52
O4 PEG U . -11.63 32.10 -13.33
C1 MPD V . -7.68 57.21 -31.64
C2 MPD V . -7.75 56.43 -30.35
O2 MPD V . -9.12 56.46 -29.89
CM MPD V . -6.90 57.08 -29.27
C3 MPD V . -7.33 54.99 -30.56
C4 MPD V . -7.71 54.03 -29.45
O4 MPD V . -9.13 53.84 -29.42
C5 MPD V . -7.03 52.69 -29.64
C1 PEG W . 11.74 14.99 -27.55
O1 PEG W . 12.90 15.48 -28.22
C2 PEG W . 12.11 14.12 -26.39
O2 PEG W . 12.74 14.90 -25.39
C3 PEG W . 12.98 14.17 -24.19
C4 PEG W . 14.42 14.32 -23.80
O4 PEG W . 15.19 13.19 -24.15
S SO4 X . 9.09 17.50 -30.65
O1 SO4 X . 7.71 17.17 -30.99
O2 SO4 X . 9.81 17.89 -31.86
O3 SO4 X . 9.10 18.60 -29.70
O4 SO4 X . 9.73 16.32 -30.06
S SO4 Y . 8.12 38.92 -2.38
O1 SO4 Y . 7.34 38.70 -1.16
O2 SO4 Y . 7.68 37.98 -3.42
O3 SO4 Y . 7.92 40.28 -2.85
O4 SO4 Y . 9.54 38.69 -2.10
ZN ZN Z . -5.27 20.81 -9.59
ZN ZN AA . 27.14 39.69 -27.19
ZN ZN BA . 5.54 35.44 -3.98
C1 CLR CA . 23.23 -1.26 -6.80
C2 CLR CA . 22.59 -1.01 -8.16
C3 CLR CA . 22.37 0.47 -8.39
C4 CLR CA . 23.68 1.22 -8.29
C5 CLR CA . 24.41 0.92 -7.00
C6 CLR CA . 24.87 1.90 -6.23
C7 CLR CA . 25.70 1.72 -5.01
C8 CLR CA . 26.20 0.29 -4.83
C9 CLR CA . 25.09 -0.71 -5.19
C10 CLR CA . 24.59 -0.55 -6.66
C11 CLR CA . 25.46 -2.15 -4.84
C12 CLR CA . 25.97 -2.32 -3.41
C13 CLR CA . 27.15 -1.39 -3.11
C14 CLR CA . 26.65 0.05 -3.38
C15 CLR CA . 27.74 0.93 -2.76
C16 CLR CA . 28.31 0.10 -1.59
C17 CLR CA . 27.56 -1.25 -1.63
C18 CLR CA . 28.36 -1.74 -4.00
C19 CLR CA . 25.58 -1.17 -7.66
C20 CLR CA . 28.34 -2.39 -0.94
C21 CLR CA . 27.46 -3.55 -0.51
C22 CLR CA . 29.17 -1.87 0.24
C23 CLR CA . 30.46 -2.64 0.50
C24 CLR CA . 31.39 -2.67 -0.71
C25 CLR CA . 32.64 -3.52 -0.54
C26 CLR CA . 32.30 -4.99 -0.52
C27 CLR CA . 33.41 -3.14 0.71
O1 CLR CA . 21.79 0.69 -9.69
ZN ZN DA . 13.18 -1.98 5.27
ZN ZN EA . 12.58 21.65 -1.88
ZN ZN FA . 22.46 0.77 20.59
ZN ZN GA . 26.33 -0.29 21.58
ZN ZN HA . 21.51 -3.87 -17.85
S SO4 IA . 18.78 -2.42 -17.28
O1 SO4 IA . 18.21 -3.71 -17.63
O2 SO4 IA . 20.21 -2.42 -17.61
O3 SO4 IA . 18.13 -1.36 -18.05
O4 SO4 IA . 18.61 -2.17 -15.86
S SO4 JA . 17.04 13.31 14.47
O1 SO4 JA . 16.92 12.06 15.24
O2 SO4 JA . 17.21 12.99 13.06
O3 SO4 JA . 15.83 14.11 14.65
O4 SO4 JA . 18.20 14.06 14.94
ZN ZN KA . 31.11 15.87 -3.89
ZN ZN LA . 18.58 14.43 10.55
C1 CLR MA . -23.09 -4.90 -3.60
C2 CLR MA . -22.44 -6.20 -4.06
C3 CLR MA . -22.26 -7.15 -2.89
C4 CLR MA . -23.61 -7.45 -2.25
C5 CLR MA . -24.35 -6.19 -1.89
C6 CLR MA . -24.88 -6.03 -0.68
C7 CLR MA . -25.73 -4.88 -0.26
C8 CLR MA . -26.18 -4.01 -1.42
C9 CLR MA . -25.01 -3.80 -2.40
C10 CLR MA . -24.48 -5.14 -3.00
C11 CLR MA . -25.33 -2.77 -3.49
C12 CLR MA . -25.88 -1.45 -2.94
C13 CLR MA . -27.10 -1.69 -2.06
C14 CLR MA . -26.67 -2.65 -0.93
C15 CLR MA . -27.84 -2.57 0.08
C16 CLR MA . -28.43 -1.14 -0.09
C17 CLR MA . -27.60 -0.49 -1.21
C18 CLR MA . -28.26 -2.29 -2.88
C19 CLR MA . -25.43 -5.70 -4.08
C20 CLR MA . -28.34 0.66 -1.92
C21 CLR MA . -27.40 1.66 -2.58
C22 CLR MA . -29.34 1.38 -0.99
C23 CLR MA . -30.54 1.94 -1.73
C24 CLR MA . -31.30 0.87 -2.51
C25 CLR MA . -32.44 1.37 -3.39
C26 CLR MA . -33.18 2.55 -2.80
C27 CLR MA . -31.97 1.67 -4.81
O1 CLR MA . -21.66 -8.37 -3.34
ZN ZN NA . -13.43 6.05 1.65
ZN ZN OA . -12.81 -11.65 19.08
S SO4 PA . -18.42 -13.60 -9.61
O1 SO4 PA . -19.86 -13.81 -9.64
O2 SO4 PA . -17.96 -13.10 -10.90
O3 SO4 PA . -18.08 -12.63 -8.57
O4 SO4 PA . -17.76 -14.87 -9.31
ZN ZN QA . -14.43 -7.61 -19.62
ZN ZN RA . -21.15 -13.34 -11.18
C1 PEG SA . -37.71 13.19 7.84
O1 PEG SA . -37.69 12.98 6.44
C2 PEG SA . -36.41 13.75 8.33
O2 PEG SA . -36.24 15.07 7.80
C3 PEG SA . -36.31 16.07 8.80
C4 PEG SA . -35.21 17.07 8.59
O4 PEG SA . -34.91 17.77 9.78
C1 PEG TA . -38.45 5.35 11.49
O1 PEG TA . -37.86 6.48 12.12
C2 PEG TA . -37.74 5.01 10.21
O2 PEG TA . -37.91 3.63 9.92
C3 PEG TA . -36.76 3.06 9.31
C4 PEG TA . -37.06 1.64 8.92
O4 PEG TA . -36.65 0.73 9.93
C1 PEG UA . -41.36 14.56 13.69
O1 PEG UA . -42.14 13.97 12.67
C2 PEG UA . -40.07 13.82 13.89
O2 PEG UA . -39.76 13.76 15.28
C3 PEG UA . -40.60 12.88 15.99
C4 PEG UA . -39.77 12.02 16.89
O4 PEG UA . -40.43 11.74 18.12
S SO4 VA . -17.84 6.91 19.47
O1 SO4 VA . -18.02 5.53 19.03
O2 SO4 VA . -17.70 7.78 18.32
O3 SO4 VA . -19.02 7.32 20.25
O4 SO4 VA . -16.65 7.01 20.31
ZN ZN WA . -22.79 18.00 10.93
ZN ZN XA . -19.95 22.20 9.49
ZN ZN YA . -26.78 19.39 10.63
ZN ZN ZA . -18.96 2.68 18.46
ZN ZN AB . -31.50 -10.52 12.29
C1 CLR BB . -3.19 -34.69 11.69
C2 CLR BB . -3.97 -34.38 10.42
C3 CLR BB . -4.28 -32.90 10.32
C4 CLR BB . -2.99 -32.10 10.34
C5 CLR BB . -2.12 -32.45 11.53
C6 CLR BB . -1.64 -31.51 12.31
C7 CLR BB . -0.65 -31.72 13.42
C8 CLR BB . -0.08 -33.14 13.43
C9 CLR BB . -1.20 -34.16 13.14
C10 CLR BB . -1.85 -33.93 11.74
C11 CLR BB . -0.75 -35.60 13.36
C12 CLR BB . -0.06 -35.84 14.71
C13 CLR BB . 1.12 -34.88 14.91
C14 CLR BB . 0.54 -33.45 14.80
C15 CLR BB . 1.67 -32.56 15.35
C16 CLR BB . 2.42 -33.44 16.37
C17 CLR BB . 1.73 -34.81 16.33
C18 CLR BB . 2.20 -35.13 13.85
C19 CLR BB . -0.93 -34.44 10.61
C20 CLR BB . 2.65 -35.95 16.82
C21 CLR BB . 1.89 -37.11 17.44
C22 CLR BB . 3.72 -35.42 17.79
C23 CLR BB . 4.76 -36.44 18.22
C24 CLR BB . 6.05 -35.78 18.71
C25 CLR BB . 6.82 -35.01 17.64
C26 CLR BB . 7.56 -33.83 18.22
C27 CLR BB . 7.78 -35.93 16.89
O1 CLR BB . -5.00 -32.62 9.12
ZN ZN CB . -12.04 -35.99 24.78
ZN ZN DB . -3.27 -38.70 43.06
S SO4 EB . -8.81 -34.59 1.35
O1 SO4 EB . -9.53 -35.86 1.25
O2 SO4 EB . -7.40 -34.80 1.06
O3 SO4 EB . -9.36 -33.65 0.39
O4 SO4 EB . -8.94 -34.06 2.70
S SO4 FB . -8.44 -20.32 34.09
O1 SO4 FB . -9.89 -20.38 33.97
O2 SO4 FB . -7.85 -20.09 32.77
O3 SO4 FB . -8.08 -19.22 34.98
O4 SO4 FB . -7.94 -21.58 34.63
ZN ZN GB . -6.28 -36.31 0.54
ZN ZN HB . 5.19 -17.60 14.80
ZN ZN IB . -5.50 -19.94 30.20
S SO4 JB . 8.97 -28.29 -6.05
O1 SO4 JB . 8.12 -28.94 -7.05
O2 SO4 JB . 10.35 -28.31 -6.49
O3 SO4 JB . 8.54 -26.90 -5.88
O4 SO4 JB . 8.85 -28.99 -4.77
ZN ZN KB . -7.76 -32.55 -2.54
#